data_5KLX
#
_entry.id   5KLX
#
_cell.length_a   107.890
_cell.length_b   34.110
_cell.length_c   119.920
_cell.angle_alpha   90.00
_cell.angle_beta   115.45
_cell.angle_gamma   90.00
#
_symmetry.space_group_name_H-M   'P 1 21 1'
#
loop_
_entity.id
_entity.type
_entity.pdbx_description
1 polymer 'Chimera protein of Ubiquitin-like protein SMT3 and Peptidyl-prolyl cis-trans isomerase'
2 non-polymer '2-[(2~{S})-1-(phenylmethyl)sulfonylpiperidin-2-yl]carbonyloxyethyl pyridine-3-carboxylate'
3 non-polymer 'MAGNESIUM ION'
4 non-polymer IMIDAZOLE
5 non-polymer DI(HYDROXYETHYL)ETHER
6 water water
#
_entity_poly.entity_id   1
_entity_poly.type   'polypeptide(L)'
_entity_poly.pdbx_seq_one_letter_code
;MGHHHHHHSGEVKPEVKPETHINLKVSDGSSEIFFKIKKTTPLRRLMEAFAKRQGKEMDSLRFLYDGIRIQADQTPEDLD
MEDNDIIEAHREQIGGSTVVTTESGLKYEDLTEGSGAEARAGQTVSVHYTGWLTDGQKFDSSKDRNDPFAFVLGGGMVIK
GWDEGVQGMKVGGVRRLTIPPQLGYGARGAGGVIPPNATLVFEVELLDV
;
_entity_poly.pdbx_strand_id   A,B,C,D
#
loop_
_chem_comp.id
_chem_comp.type
_chem_comp.name
_chem_comp.formula
6UO non-polymer '2-[(2~{S})-1-(phenylmethyl)sulfonylpiperidin-2-yl]carbonyloxyethyl pyridine-3-carboxylate' 'C21 H24 N2 O6 S'
IMD non-polymer IMIDAZOLE 'C3 H5 N2 1'
MG non-polymer 'MAGNESIUM ION' 'Mg 2'
PEG non-polymer DI(HYDROXYETHYL)ETHER 'C4 H10 O3'
#
# COMPACT_ATOMS: atom_id res chain seq x y z
N THR A 20 16.62 -34.99 0.08
CA THR A 20 16.53 -33.87 -0.86
C THR A 20 16.18 -32.54 -0.18
N HIS A 21 15.06 -32.53 0.54
CA HIS A 21 14.59 -31.37 1.28
C HIS A 21 15.00 -31.46 2.75
N ILE A 22 14.97 -30.31 3.42
CA ILE A 22 15.31 -30.24 4.84
C ILE A 22 14.32 -29.32 5.54
N ASN A 23 14.04 -29.60 6.81
CA ASN A 23 13.25 -28.73 7.65
C ASN A 23 14.19 -27.96 8.57
N LEU A 24 13.89 -26.69 8.79
CA LEU A 24 14.77 -25.80 9.53
C LEU A 24 13.93 -24.90 10.40
N LYS A 25 14.43 -24.65 11.62
CA LYS A 25 13.78 -23.77 12.58
C LYS A 25 14.61 -22.50 12.75
N VAL A 26 13.97 -21.35 12.58
CA VAL A 26 14.60 -20.06 12.82
C VAL A 26 13.97 -19.48 14.07
N SER A 27 14.82 -19.16 15.05
CA SER A 27 14.39 -18.72 16.36
C SER A 27 14.82 -17.28 16.59
N ASP A 28 13.90 -16.50 17.16
CA ASP A 28 14.10 -15.13 17.56
C ASP A 28 14.27 -14.99 19.07
N GLY A 29 14.61 -16.09 19.75
CA GLY A 29 14.60 -16.14 21.20
C GLY A 29 13.23 -16.26 21.81
N SER A 30 12.17 -16.02 21.04
CA SER A 30 10.80 -16.09 21.53
C SER A 30 9.96 -16.87 20.54
N SER A 31 9.92 -16.40 19.30
CA SER A 31 9.21 -17.07 18.21
C SER A 31 10.13 -18.05 17.50
N GLU A 32 9.55 -19.16 17.05
CA GLU A 32 10.26 -20.18 16.28
C GLU A 32 9.42 -20.58 15.07
N ILE A 33 9.95 -20.33 13.87
CA ILE A 33 9.26 -20.55 12.60
C ILE A 33 9.95 -21.67 11.86
N PHE A 34 9.19 -22.63 11.35
CA PHE A 34 9.76 -23.74 10.61
C PHE A 34 9.73 -23.49 9.11
N PHE A 35 10.79 -23.90 8.42
CA PHE A 35 10.91 -23.72 6.99
C PHE A 35 11.34 -25.04 6.36
N LYS A 36 10.68 -25.44 5.28
CA LYS A 36 11.09 -26.60 4.50
C LYS A 36 11.61 -26.14 3.14
N ILE A 37 12.92 -26.25 2.93
CA ILE A 37 13.57 -25.82 1.71
C ILE A 37 14.35 -26.99 1.11
N LYS A 38 14.79 -26.81 -0.13
CA LYS A 38 15.62 -27.79 -0.82
C LYS A 38 17.09 -27.54 -0.48
N LYS A 39 17.80 -28.61 -0.13
CA LYS A 39 19.18 -28.47 0.33
C LYS A 39 20.07 -27.80 -0.72
N THR A 40 19.70 -27.89 -2.00
CA THR A 40 20.50 -27.31 -3.08
C THR A 40 20.35 -25.79 -3.20
N THR A 41 19.31 -25.18 -2.52
CA THR A 41 18.97 -23.76 -2.62
C THR A 41 19.79 -22.92 -1.64
N PRO A 42 20.23 -21.72 -2.02
CA PRO A 42 20.83 -20.82 -1.03
C PRO A 42 19.79 -20.29 -0.05
N LEU A 43 20.24 -20.07 1.17
CA LEU A 43 19.35 -19.69 2.25
C LEU A 43 18.82 -18.27 2.15
N ARG A 44 19.04 -17.48 1.08
CA ARG A 44 18.55 -16.11 1.06
C ARG A 44 17.02 -16.06 1.06
N ARG A 45 16.37 -17.01 0.39
CA ARG A 45 14.91 -17.02 0.35
C ARG A 45 14.33 -17.35 1.72
N LEU A 46 14.97 -18.24 2.47
CA LEU A 46 14.54 -18.47 3.85
C LEU A 46 14.73 -17.21 4.68
N MET A 47 15.89 -16.56 4.55
CA MET A 47 16.16 -15.35 5.31
C MET A 47 15.16 -14.25 4.97
N GLU A 48 14.92 -14.03 3.67
CA GLU A 48 14.00 -12.98 3.28
C GLU A 48 12.59 -13.29 3.74
N ALA A 49 12.20 -14.56 3.66
CA ALA A 49 10.87 -14.95 4.11
C ALA A 49 10.72 -14.73 5.62
N PHE A 50 11.70 -15.18 6.42
CA PHE A 50 11.62 -14.90 7.85
C PHE A 50 11.65 -13.41 8.14
N ALA A 51 12.36 -12.64 7.32
CA ALA A 51 12.42 -11.20 7.56
C ALA A 51 11.14 -10.50 7.15
N LYS A 52 10.42 -11.05 6.17
CA LYS A 52 9.24 -10.38 5.65
C LYS A 52 8.08 -10.46 6.64
N ARG A 53 7.97 -11.59 7.36
CA ARG A 53 6.96 -11.73 8.38
C ARG A 53 7.13 -10.67 9.47
N GLN A 54 8.36 -10.39 9.87
CA GLN A 54 8.65 -9.33 10.82
C GLN A 54 8.47 -7.93 10.19
N GLY A 55 8.09 -7.85 8.92
CA GLY A 55 7.99 -6.57 8.24
C GLY A 55 9.26 -5.77 8.24
N LYS A 56 10.41 -6.42 8.35
CA LYS A 56 11.71 -5.76 8.38
C LYS A 56 12.54 -6.14 7.16
N GLU A 57 13.44 -5.25 6.77
CA GLU A 57 14.37 -5.54 5.70
C GLU A 57 15.34 -6.63 6.12
N MET A 58 15.79 -7.43 5.15
CA MET A 58 16.71 -8.52 5.45
C MET A 58 18.06 -8.00 5.95
N ASP A 59 18.50 -6.82 5.47
CA ASP A 59 19.77 -6.27 5.90
C ASP A 59 19.83 -6.05 7.41
N SER A 60 18.69 -5.86 8.06
CA SER A 60 18.63 -5.50 9.47
C SER A 60 18.77 -6.69 10.42
N LEU A 61 18.77 -7.91 9.90
CA LEU A 61 18.86 -9.12 10.73
C LEU A 61 20.08 -9.93 10.33
N ARG A 62 20.83 -10.38 11.34
CA ARG A 62 21.97 -11.27 11.13
C ARG A 62 21.56 -12.68 11.57
N PHE A 63 21.70 -13.63 10.66
CA PHE A 63 21.36 -15.03 10.94
C PHE A 63 22.63 -15.82 11.27
N LEU A 64 22.54 -16.66 12.29
CA LEU A 64 23.64 -17.53 12.69
C LEU A 64 23.25 -18.99 12.54
N TYR A 65 24.25 -19.82 12.27
CA TYR A 65 24.07 -21.26 12.35
C TYR A 65 25.34 -21.85 12.96
N ASP A 66 25.19 -22.54 14.09
CA ASP A 66 26.31 -23.08 14.85
C ASP A 66 27.38 -22.01 15.09
N GLY A 67 26.94 -20.77 15.29
CA GLY A 67 27.85 -19.69 15.63
C GLY A 67 28.18 -18.72 14.52
N ILE A 68 28.79 -19.21 13.43
CA ILE A 68 29.21 -18.34 12.33
C ILE A 68 27.97 -17.75 11.64
N ARG A 69 28.09 -16.50 11.19
CA ARG A 69 26.98 -15.87 10.49
C ARG A 69 26.76 -16.50 9.12
N ILE A 70 25.49 -16.60 8.74
CA ILE A 70 25.10 -17.15 7.46
C ILE A 70 25.15 -16.04 6.42
N GLN A 71 25.93 -16.25 5.36
CA GLN A 71 25.80 -15.43 4.17
C GLN A 71 24.69 -16.00 3.31
N ALA A 72 23.90 -15.11 2.70
CA ALA A 72 22.73 -15.54 1.93
C ALA A 72 23.09 -16.37 0.70
N ASP A 73 24.36 -16.37 0.27
CA ASP A 73 24.79 -17.19 -0.85
C ASP A 73 24.93 -18.66 -0.49
N GLN A 74 24.96 -18.99 0.80
CA GLN A 74 25.25 -20.36 1.21
C GLN A 74 23.98 -21.21 1.22
N THR A 75 24.16 -22.51 1.09
CA THR A 75 23.08 -23.48 1.04
C THR A 75 23.09 -24.36 2.27
N PRO A 76 22.00 -25.09 2.54
CA PRO A 76 22.03 -26.04 3.67
C PRO A 76 23.07 -27.14 3.51
N GLU A 77 23.19 -27.70 2.31
CA GLU A 77 24.26 -28.68 2.07
C GLU A 77 25.62 -28.05 2.24
N ASP A 78 25.82 -26.84 1.69
CA ASP A 78 27.11 -26.18 1.82
C ASP A 78 27.50 -25.94 3.27
N LEU A 79 26.55 -26.02 4.20
CA LEU A 79 26.82 -25.78 5.62
C LEU A 79 26.67 -27.04 6.48
N ASP A 80 26.42 -28.20 5.86
CA ASP A 80 26.30 -29.48 6.56
C ASP A 80 25.17 -29.48 7.58
N MET A 81 23.99 -29.03 7.15
CA MET A 81 22.80 -28.92 7.99
C MET A 81 22.00 -30.22 7.96
N GLU A 82 21.64 -30.73 9.14
CA GLU A 82 20.79 -31.89 9.27
C GLU A 82 19.35 -31.47 9.49
N ASP A 83 18.42 -32.41 9.28
CA ASP A 83 17.01 -32.10 9.39
C ASP A 83 16.69 -31.64 10.81
N ASN A 84 16.01 -30.50 10.90
CA ASN A 84 15.49 -29.87 12.10
C ASN A 84 16.54 -29.13 12.91
N ASP A 85 17.73 -28.87 12.35
CA ASP A 85 18.65 -27.93 12.98
C ASP A 85 18.00 -26.55 13.14
N ILE A 86 18.65 -25.70 13.94
CA ILE A 86 18.10 -24.41 14.32
C ILE A 86 19.00 -23.30 13.83
N ILE A 87 18.40 -22.18 13.45
CA ILE A 87 19.11 -20.96 13.08
C ILE A 87 18.70 -19.87 14.05
N GLU A 88 19.68 -19.24 14.68
CA GLU A 88 19.40 -18.07 15.50
C GLU A 88 19.29 -16.81 14.63
N ALA A 89 18.35 -15.93 14.98
CA ALA A 89 18.18 -14.64 14.32
C ALA A 89 18.37 -13.52 15.33
N HIS A 90 19.15 -12.50 14.94
CA HIS A 90 19.46 -11.36 15.79
C HIS A 90 19.42 -10.07 14.98
N ARG A 91 19.63 -8.94 15.66
CA ARG A 91 19.72 -7.63 15.02
C ARG A 91 20.93 -7.52 14.10
N GLY A 96 26.27 -2.15 20.12
CA GLY A 96 25.98 -3.55 20.40
C GLY A 96 24.58 -3.67 20.97
N SER A 97 24.34 -4.68 21.81
CA SER A 97 23.10 -4.78 22.58
C SER A 97 23.39 -4.60 24.06
N THR A 98 22.60 -3.76 24.71
CA THR A 98 22.83 -3.39 26.11
C THR A 98 21.50 -3.46 26.84
N VAL A 99 21.24 -4.57 27.51
CA VAL A 99 19.99 -4.77 28.20
C VAL A 99 20.13 -4.28 29.65
N VAL A 100 19.28 -3.32 30.03
CA VAL A 100 19.29 -2.71 31.36
C VAL A 100 18.20 -3.35 32.22
N THR A 101 18.55 -3.73 33.44
CA THR A 101 17.58 -4.25 34.42
C THR A 101 17.45 -3.23 35.55
N THR A 102 16.27 -2.66 35.73
CA THR A 102 16.10 -1.67 36.78
C THR A 102 15.66 -2.32 38.09
N GLU A 103 15.63 -1.52 39.15
CA GLU A 103 15.40 -2.01 40.51
C GLU A 103 14.02 -2.61 40.71
N SER A 104 13.12 -2.45 39.75
CA SER A 104 11.76 -2.96 39.84
C SER A 104 11.59 -4.27 39.09
N GLY A 105 12.63 -4.76 38.43
CA GLY A 105 12.54 -5.91 37.56
C GLY A 105 12.31 -5.60 36.10
N LEU A 106 11.98 -4.34 35.79
CA LEU A 106 11.85 -3.94 34.41
C LEU A 106 13.18 -4.16 33.68
N LYS A 107 13.11 -4.71 32.48
CA LYS A 107 14.26 -4.77 31.59
C LYS A 107 14.01 -3.87 30.39
N TYR A 108 15.03 -3.15 29.95
CA TYR A 108 14.82 -2.40 28.72
C TYR A 108 16.11 -2.33 27.93
N GLU A 109 15.96 -2.19 26.62
CA GLU A 109 17.04 -2.12 25.67
C GLU A 109 16.72 -1.03 24.66
N ASP A 110 17.67 -0.14 24.40
CA ASP A 110 17.41 0.96 23.47
C ASP A 110 17.86 0.48 22.09
N LEU A 111 16.92 0.02 21.27
CA LEU A 111 17.27 -0.43 19.93
C LEU A 111 17.73 0.73 19.07
N THR A 112 17.01 1.84 19.10
CA THR A 112 17.48 3.08 18.50
C THR A 112 17.48 4.17 19.55
N GLU A 113 18.60 4.88 19.65
CA GLU A 113 18.76 6.00 20.56
C GLU A 113 18.15 7.24 19.92
N GLY A 114 17.15 7.82 20.56
CA GLY A 114 16.59 9.06 20.05
C GLY A 114 17.49 10.25 20.32
N SER A 115 17.36 11.27 19.48
CA SER A 115 18.12 12.51 19.66
C SER A 115 17.24 13.73 19.87
N GLY A 116 15.92 13.58 19.80
CA GLY A 116 15.00 14.67 20.10
C GLY A 116 14.84 14.91 21.59
N ALA A 117 13.69 15.42 21.97
CA ALA A 117 13.57 15.81 23.36
C ALA A 117 13.29 14.59 24.23
N GLU A 118 13.49 14.77 25.53
CA GLU A 118 13.42 13.70 26.49
C GLU A 118 12.00 13.55 27.03
N ALA A 119 11.50 12.32 27.07
CA ALA A 119 10.21 12.06 27.69
C ALA A 119 10.33 12.13 29.21
N ARG A 120 9.38 12.83 29.85
CA ARG A 120 9.47 13.23 31.24
C ARG A 120 8.09 13.09 31.86
N ALA A 121 8.05 12.67 33.13
CA ALA A 121 6.77 12.53 33.81
C ALA A 121 6.02 13.85 33.73
N GLY A 122 4.72 13.75 33.48
CA GLY A 122 3.87 14.91 33.33
C GLY A 122 3.52 15.23 31.89
N GLN A 123 4.41 14.92 30.95
CA GLN A 123 4.11 15.16 29.55
C GLN A 123 3.09 14.15 29.04
N THR A 124 2.38 14.56 28.00
CA THR A 124 1.58 13.64 27.20
C THR A 124 2.46 13.26 26.01
N VAL A 125 2.87 12.01 25.96
CA VAL A 125 3.81 11.54 24.95
C VAL A 125 3.03 10.72 23.95
N SER A 126 3.50 10.72 22.71
CA SER A 126 2.85 9.99 21.64
C SER A 126 3.83 8.94 21.09
N VAL A 127 3.33 7.71 20.90
CA VAL A 127 4.19 6.59 20.51
C VAL A 127 3.50 5.70 19.49
N HIS A 128 4.30 4.86 18.83
CA HIS A 128 3.86 3.65 18.16
C HIS A 128 4.37 2.45 18.97
N TYR A 129 3.63 1.34 19.00
CA TYR A 129 4.15 0.19 19.76
C TYR A 129 3.64 -1.11 19.19
N THR A 130 4.42 -2.16 19.38
CA THR A 130 3.92 -3.53 19.32
C THR A 130 4.18 -4.23 20.65
N GLY A 131 3.23 -5.07 21.06
CA GLY A 131 3.30 -5.82 22.30
C GLY A 131 3.16 -7.30 22.01
N TRP A 132 4.08 -8.10 22.56
CA TRP A 132 4.08 -9.55 22.37
C TRP A 132 4.10 -10.28 23.72
N LEU A 133 3.55 -11.49 23.72
CA LEU A 133 3.82 -12.44 24.80
C LEU A 133 5.22 -13.04 24.59
N THR A 134 5.81 -13.61 25.65
CA THR A 134 7.20 -14.10 25.56
C THR A 134 7.37 -15.29 24.63
N ASP A 135 6.29 -15.84 24.09
CA ASP A 135 6.37 -16.87 23.06
C ASP A 135 6.32 -16.31 21.64
N GLY A 136 6.52 -14.99 21.49
CA GLY A 136 6.49 -14.36 20.18
C GLY A 136 5.12 -13.93 19.70
N GLN A 137 4.05 -14.29 20.42
CA GLN A 137 2.68 -14.02 19.97
C GLN A 137 2.36 -12.55 20.16
N LYS A 138 1.96 -11.89 19.09
CA LYS A 138 1.60 -10.47 19.13
C LYS A 138 0.15 -10.30 19.55
N PHE A 139 -0.10 -9.45 20.56
CA PHE A 139 -1.47 -9.28 21.06
C PHE A 139 -2.06 -7.89 20.84
N ASP A 140 -1.26 -6.84 20.57
CA ASP A 140 -1.79 -5.53 20.20
C ASP A 140 -0.71 -4.72 19.49
N SER A 141 -1.15 -3.74 18.70
CA SER A 141 -0.23 -2.81 18.04
C SER A 141 -0.99 -1.58 17.54
N SER A 142 -0.52 -0.38 17.93
CA SER A 142 -1.04 0.85 17.32
C SER A 142 -0.83 0.89 15.80
N LYS A 143 0.14 0.13 15.26
CA LYS A 143 0.41 0.22 13.82
C LYS A 143 -0.68 -0.45 12.98
N ASP A 144 -1.41 -1.41 13.53
CA ASP A 144 -2.45 -2.12 12.78
C ASP A 144 -3.52 -1.17 12.29
N ARG A 145 -3.97 -0.27 13.15
CA ARG A 145 -4.85 0.84 12.77
C ARG A 145 -4.07 2.09 12.39
N ASN A 146 -2.75 2.01 12.30
CA ASN A 146 -1.94 3.15 11.91
C ASN A 146 -2.33 4.39 12.72
N ASP A 147 -2.39 4.22 14.04
CA ASP A 147 -2.91 5.26 14.92
C ASP A 147 -2.01 5.42 16.12
N PRO A 148 -1.12 6.40 16.11
CA PRO A 148 -0.29 6.70 17.28
C PRO A 148 -1.07 6.76 18.59
N PHE A 149 -0.40 6.34 19.65
CA PHE A 149 -0.97 6.24 20.99
C PHE A 149 -0.35 7.30 21.90
N ALA A 150 -1.20 8.10 22.55
CA ALA A 150 -0.75 9.13 23.48
C ALA A 150 -1.22 8.82 24.89
N PHE A 151 -0.43 9.22 25.88
CA PHE A 151 -0.87 9.06 27.28
C PHE A 151 -0.06 9.99 28.18
N VAL A 152 -0.56 10.19 29.40
CA VAL A 152 0.12 11.02 30.40
C VAL A 152 1.19 10.18 31.09
N LEU A 153 2.46 10.48 30.81
CA LEU A 153 3.56 9.67 31.32
C LEU A 153 3.63 9.80 32.84
N GLY A 154 3.55 8.67 33.53
CA GLY A 154 3.55 8.64 34.98
C GLY A 154 2.20 8.90 35.62
N GLY A 155 1.12 9.00 34.84
CA GLY A 155 -0.18 9.28 35.42
C GLY A 155 -1.07 8.08 35.73
N GLY A 156 -0.59 6.85 35.58
CA GLY A 156 -1.43 5.73 35.96
C GLY A 156 -2.53 5.38 34.99
N MET A 157 -2.41 5.84 33.73
N MET A 157 -2.42 5.79 33.73
CA MET A 157 -3.31 5.45 32.64
CA MET A 157 -3.39 5.36 32.73
C MET A 157 -2.91 4.12 32.05
C MET A 157 -2.88 4.19 31.90
N VAL A 158 -1.61 3.80 32.08
CA VAL A 158 -1.05 2.61 31.45
C VAL A 158 -0.44 1.73 32.54
N ILE A 159 -0.12 0.49 32.18
CA ILE A 159 0.50 -0.44 33.13
C ILE A 159 1.81 0.14 33.61
N LYS A 160 2.13 -0.09 34.88
CA LYS A 160 3.29 0.52 35.53
C LYS A 160 4.59 0.37 34.74
N GLY A 161 4.72 -0.67 33.92
CA GLY A 161 5.96 -0.91 33.19
C GLY A 161 6.24 0.14 32.12
N TRP A 162 5.18 0.74 31.59
CA TRP A 162 5.25 1.84 30.64
C TRP A 162 5.57 3.17 31.32
N ASP A 163 4.88 3.47 32.42
CA ASP A 163 5.16 4.71 33.15
C ASP A 163 6.62 4.80 33.53
N GLU A 164 7.23 3.66 33.90
CA GLU A 164 8.64 3.65 34.25
C GLU A 164 9.53 3.50 33.02
N GLY A 165 9.07 2.73 32.03
CA GLY A 165 9.95 2.37 30.93
C GLY A 165 10.13 3.43 29.87
N VAL A 166 9.14 4.30 29.68
CA VAL A 166 9.19 5.32 28.63
C VAL A 166 9.84 6.61 29.13
N GLN A 167 9.96 6.79 30.45
CA GLN A 167 10.69 7.94 30.96
C GLN A 167 12.16 7.85 30.53
N GLY A 168 12.69 8.96 30.04
CA GLY A 168 14.07 9.00 29.57
C GLY A 168 14.28 8.57 28.13
N MET A 169 13.24 8.13 27.42
CA MET A 169 13.30 8.02 25.97
C MET A 169 13.45 9.41 25.37
N LYS A 170 14.04 9.47 24.17
CA LYS A 170 14.15 10.71 23.41
C LYS A 170 13.49 10.52 22.05
N VAL A 171 12.83 11.57 21.59
CA VAL A 171 12.09 11.52 20.33
C VAL A 171 13.00 10.99 19.24
N GLY A 172 12.52 9.98 18.51
CA GLY A 172 13.32 9.19 17.61
C GLY A 172 13.69 7.81 18.15
N GLY A 173 13.56 7.58 19.44
CA GLY A 173 14.06 6.35 20.02
C GLY A 173 13.14 5.17 19.83
N VAL A 174 13.72 3.98 19.67
CA VAL A 174 13.00 2.73 19.79
C VAL A 174 13.56 1.98 20.99
N ARG A 175 12.71 1.72 21.98
CA ARG A 175 13.10 1.03 23.22
C ARG A 175 12.28 -0.23 23.37
N ARG A 176 12.94 -1.34 23.70
CA ARG A 176 12.30 -2.62 23.94
C ARG A 176 12.12 -2.81 25.44
N LEU A 177 10.87 -2.88 25.89
CA LEU A 177 10.51 -3.06 27.29
C LEU A 177 10.10 -4.51 27.51
N THR A 178 10.75 -5.14 28.49
CA THR A 178 10.41 -6.47 28.98
C THR A 178 9.88 -6.29 30.38
N ILE A 179 8.58 -6.49 30.55
CA ILE A 179 7.81 -6.07 31.71
C ILE A 179 7.38 -7.31 32.47
N PRO A 180 7.84 -7.51 33.70
CA PRO A 180 7.37 -8.62 34.51
C PRO A 180 5.92 -8.41 34.89
N PRO A 181 5.21 -9.48 35.27
CA PRO A 181 3.74 -9.38 35.37
C PRO A 181 3.24 -8.40 36.42
N GLN A 182 3.94 -8.22 37.54
CA GLN A 182 3.44 -7.24 38.50
C GLN A 182 3.65 -5.78 38.06
N LEU A 183 4.45 -5.53 37.03
CA LEU A 183 4.46 -4.25 36.33
C LEU A 183 3.56 -4.28 35.09
N GLY A 184 2.79 -5.35 34.93
CA GLY A 184 1.96 -5.55 33.76
C GLY A 184 0.51 -5.70 34.13
N TYR A 185 -0.11 -6.82 33.75
CA TYR A 185 -1.50 -7.11 34.09
C TYR A 185 -1.65 -8.10 35.25
N GLY A 186 -0.56 -8.49 35.89
CA GLY A 186 -0.67 -9.22 37.15
C GLY A 186 -1.29 -10.60 36.98
N ALA A 187 -1.81 -11.10 38.09
CA ALA A 187 -2.36 -12.45 38.19
C ALA A 187 -3.68 -12.61 37.46
N ARG A 188 -4.34 -11.51 37.11
CA ARG A 188 -5.62 -11.60 36.41
C ARG A 188 -5.46 -11.52 34.91
N GLY A 189 -4.41 -10.85 34.41
CA GLY A 189 -4.29 -10.78 32.95
C GLY A 189 -5.36 -9.87 32.37
N ALA A 190 -5.63 -10.07 31.08
CA ALA A 190 -6.48 -9.17 30.32
C ALA A 190 -7.35 -9.99 29.38
N GLY A 191 -8.65 -9.76 29.44
CA GLY A 191 -9.66 -10.66 28.89
C GLY A 191 -9.38 -11.16 27.49
N GLY A 192 -9.53 -12.47 27.31
CA GLY A 192 -9.41 -13.09 26.02
C GLY A 192 -8.01 -13.20 25.47
N VAL A 193 -7.02 -12.52 26.06
CA VAL A 193 -5.79 -12.25 25.31
C VAL A 193 -4.50 -12.48 26.10
N ILE A 194 -4.41 -11.96 27.31
CA ILE A 194 -3.15 -11.93 28.05
C ILE A 194 -3.30 -12.84 29.26
N PRO A 195 -2.54 -13.91 29.36
CA PRO A 195 -2.73 -14.88 30.46
C PRO A 195 -2.36 -14.27 31.81
N PRO A 196 -2.78 -14.91 32.90
CA PRO A 196 -2.26 -14.55 34.23
C PRO A 196 -0.75 -14.69 34.27
N ASN A 197 -0.09 -13.82 35.01
N ASN A 197 -0.13 -13.75 34.98
CA ASN A 197 1.35 -13.98 35.26
CA ASN A 197 1.31 -13.76 35.26
C ASN A 197 2.20 -13.84 33.99
C ASN A 197 2.14 -13.87 33.99
N ALA A 198 1.69 -13.16 32.96
CA ALA A 198 2.44 -13.07 31.71
C ALA A 198 3.49 -11.95 31.78
N THR A 199 4.72 -12.29 31.40
CA THR A 199 5.72 -11.28 31.06
C THR A 199 5.40 -10.69 29.68
N LEU A 200 5.52 -9.36 29.53
CA LEU A 200 5.16 -8.64 28.30
C LEU A 200 6.37 -8.00 27.64
N VAL A 201 6.43 -8.08 26.30
CA VAL A 201 7.47 -7.43 25.52
C VAL A 201 6.83 -6.39 24.60
N PHE A 202 7.35 -5.15 24.66
CA PHE A 202 6.88 -4.04 23.85
C PHE A 202 8.05 -3.36 23.18
N GLU A 203 7.92 -3.10 21.88
CA GLU A 203 8.79 -2.15 21.18
C GLU A 203 8.04 -0.83 21.10
N VAL A 204 8.59 0.19 21.74
CA VAL A 204 7.96 1.50 21.88
C VAL A 204 8.81 2.50 21.10
N GLU A 205 8.20 3.20 20.14
CA GLU A 205 8.85 4.25 19.36
C GLU A 205 8.30 5.62 19.77
N LEU A 206 9.16 6.50 20.27
CA LEU A 206 8.68 7.77 20.80
C LEU A 206 8.60 8.77 19.65
N LEU A 207 7.38 9.26 19.40
CA LEU A 207 7.05 10.13 18.29
C LEU A 207 7.10 11.61 18.65
N ASP A 208 6.55 11.98 19.81
CA ASP A 208 6.47 13.36 20.20
C ASP A 208 6.32 13.41 21.72
N VAL A 209 6.80 14.49 22.34
CA VAL A 209 6.57 14.69 23.78
C VAL A 209 5.64 15.89 23.98
N THR B 20 58.06 11.34 -0.90
CA THR B 20 57.77 10.78 0.42
C THR B 20 56.39 10.10 0.51
N HIS B 21 55.43 10.54 -0.29
CA HIS B 21 54.08 9.97 -0.29
C HIS B 21 53.50 10.09 -1.68
N ILE B 22 53.25 8.94 -2.33
CA ILE B 22 52.82 8.93 -3.73
C ILE B 22 51.31 9.08 -3.85
N ASN B 23 50.83 9.29 -5.07
CA ASN B 23 49.40 9.31 -5.37
C ASN B 23 49.06 8.12 -6.26
N LEU B 24 48.03 7.38 -5.87
CA LEU B 24 47.55 6.25 -6.66
C LEU B 24 46.12 6.49 -7.10
N LYS B 25 45.69 5.73 -8.10
CA LYS B 25 44.31 5.71 -8.54
C LYS B 25 43.84 4.27 -8.66
N VAL B 26 42.58 4.06 -8.33
CA VAL B 26 41.96 2.74 -8.34
C VAL B 26 40.76 2.81 -9.27
N SER B 27 40.68 1.87 -10.21
CA SER B 27 39.64 1.86 -11.22
C SER B 27 38.61 0.78 -10.93
N ASP B 28 37.42 0.95 -11.51
CA ASP B 28 36.34 0.00 -11.37
C ASP B 28 35.48 -0.01 -12.63
N SER B 31 33.75 3.78 -12.31
CA SER B 31 34.03 4.56 -11.11
C SER B 31 35.50 4.44 -10.72
N GLU B 32 36.13 5.58 -10.46
CA GLU B 32 37.52 5.63 -10.02
C GLU B 32 37.66 6.64 -8.90
N ILE B 33 38.52 6.33 -7.93
CA ILE B 33 38.82 7.21 -6.82
C ILE B 33 40.33 7.35 -6.68
N PHE B 34 40.77 8.56 -6.35
CA PHE B 34 42.19 8.84 -6.17
C PHE B 34 42.57 8.73 -4.69
N PHE B 35 43.84 8.48 -4.44
CA PHE B 35 44.35 8.30 -3.09
C PHE B 35 45.67 9.04 -2.96
N LYS B 36 46.24 9.01 -1.75
CA LYS B 36 47.57 9.56 -1.50
C LYS B 36 48.10 8.89 -0.22
N ILE B 37 48.84 7.81 -0.40
CA ILE B 37 49.37 7.01 0.70
C ILE B 37 50.83 7.36 0.90
N LYS B 38 51.30 7.24 2.14
CA LYS B 38 52.73 7.35 2.37
C LYS B 38 53.44 6.14 1.79
N LYS B 39 54.72 6.33 1.45
CA LYS B 39 55.49 5.25 0.85
C LYS B 39 55.63 4.07 1.81
N THR B 40 55.74 4.35 3.11
CA THR B 40 55.94 3.31 4.10
C THR B 40 54.63 2.71 4.61
N THR B 41 53.53 3.47 4.53
CA THR B 41 52.20 3.07 5.00
C THR B 41 51.82 1.70 4.43
N PRO B 42 50.90 0.97 5.07
CA PRO B 42 50.46 -0.30 4.47
C PRO B 42 49.44 -0.05 3.38
N LEU B 43 49.55 -0.84 2.31
CA LEU B 43 48.49 -0.82 1.31
C LEU B 43 47.19 -1.41 1.86
N ARG B 44 47.26 -2.17 2.96
CA ARG B 44 46.05 -2.77 3.53
C ARG B 44 45.02 -1.71 3.90
N ARG B 45 45.46 -0.51 4.30
CA ARG B 45 44.53 0.52 4.76
C ARG B 45 43.85 1.23 3.59
N LEU B 46 44.61 1.55 2.54
CA LEU B 46 44.00 2.14 1.34
C LEU B 46 42.98 1.20 0.72
N MET B 47 43.14 -0.11 0.89
CA MET B 47 42.23 -1.06 0.27
C MET B 47 40.88 -1.09 0.98
N GLU B 48 40.90 -1.26 2.30
CA GLU B 48 39.64 -1.34 3.04
C GLU B 48 38.82 -0.06 2.89
N ALA B 49 39.47 1.05 2.51
CA ALA B 49 38.76 2.30 2.28
C ALA B 49 37.99 2.28 0.97
N PHE B 50 38.58 1.72 -0.08
CA PHE B 50 37.84 1.54 -1.33
C PHE B 50 36.67 0.59 -1.13
N ALA B 51 36.81 -0.37 -0.21
CA ALA B 51 35.75 -1.35 0.04
C ALA B 51 34.53 -0.67 0.64
N LYS B 52 34.72 0.11 1.71
CA LYS B 52 33.61 0.84 2.30
C LYS B 52 32.95 1.75 1.27
N ARG B 53 33.74 2.62 0.63
CA ARG B 53 33.21 3.58 -0.33
C ARG B 53 32.54 2.93 -1.53
N GLN B 54 32.65 1.61 -1.70
CA GLN B 54 31.98 0.93 -2.81
C GLN B 54 31.04 -0.13 -2.28
N GLU B 57 32.56 -4.10 0.50
CA GLU B 57 33.22 -4.89 1.55
C GLU B 57 34.46 -5.62 1.05
N MET B 58 35.49 -5.59 1.90
CA MET B 58 36.85 -5.96 1.49
C MET B 58 36.91 -7.31 0.77
N ASP B 59 36.35 -8.35 1.41
CA ASP B 59 36.51 -9.72 0.93
C ASP B 59 36.19 -9.87 -0.55
N SER B 60 35.27 -9.04 -1.05
CA SER B 60 34.67 -9.31 -2.36
C SER B 60 35.59 -8.93 -3.52
N LEU B 61 36.38 -7.87 -3.38
CA LEU B 61 37.09 -7.28 -4.51
C LEU B 61 38.54 -7.77 -4.55
N ARG B 62 38.96 -8.25 -5.71
CA ARG B 62 40.37 -8.49 -6.00
C ARG B 62 40.98 -7.23 -6.60
N PHE B 63 42.18 -6.87 -6.13
CA PHE B 63 42.85 -5.63 -6.53
C PHE B 63 44.24 -5.97 -7.05
N LEU B 64 44.53 -5.57 -8.29
CA LEU B 64 45.78 -5.93 -8.96
C LEU B 64 46.58 -4.70 -9.36
N TYR B 65 47.90 -4.83 -9.28
CA TYR B 65 48.82 -3.80 -9.77
C TYR B 65 49.73 -4.43 -10.83
N ASP B 66 49.72 -3.85 -12.03
CA ASP B 66 50.49 -4.33 -13.17
C ASP B 66 50.20 -5.81 -13.49
N GLY B 67 49.03 -6.32 -13.09
CA GLY B 67 48.60 -7.66 -13.42
C GLY B 67 48.61 -8.66 -12.28
N ILE B 68 49.15 -8.30 -11.12
CA ILE B 68 49.28 -9.23 -10.00
C ILE B 68 48.52 -8.71 -8.79
N ARG B 69 47.97 -9.64 -8.01
CA ARG B 69 47.12 -9.32 -6.89
C ARG B 69 47.92 -8.72 -5.73
N ILE B 70 47.33 -7.73 -5.06
CA ILE B 70 48.00 -6.97 -3.99
C ILE B 70 47.70 -7.61 -2.65
N GLN B 71 48.71 -7.67 -1.79
CA GLN B 71 48.59 -8.21 -0.44
C GLN B 71 48.54 -7.09 0.58
N ALA B 72 47.92 -7.38 1.73
CA ALA B 72 47.78 -6.39 2.80
C ALA B 72 49.13 -5.98 3.35
N ASP B 73 50.06 -6.93 3.51
CA ASP B 73 51.38 -6.66 4.06
C ASP B 73 52.26 -5.82 3.14
N GLN B 74 51.88 -5.65 1.88
CA GLN B 74 52.73 -4.98 0.92
C GLN B 74 52.67 -3.47 1.15
N THR B 75 53.79 -2.87 1.48
CA THR B 75 53.86 -1.42 1.46
C THR B 75 54.11 -0.96 0.03
N PRO B 76 53.61 0.22 -0.34
CA PRO B 76 53.83 0.72 -1.71
C PRO B 76 55.29 0.73 -2.15
N GLU B 77 56.23 0.95 -1.23
CA GLU B 77 57.64 0.86 -1.57
C GLU B 77 58.05 -0.57 -1.95
N ASP B 78 57.32 -1.58 -1.48
CA ASP B 78 57.66 -2.95 -1.83
C ASP B 78 57.38 -3.24 -3.31
N LEU B 79 56.41 -2.54 -3.89
CA LEU B 79 55.98 -2.83 -5.26
C LEU B 79 56.57 -1.87 -6.28
N ASP B 80 57.51 -1.02 -5.87
CA ASP B 80 58.12 -0.03 -6.76
C ASP B 80 57.05 0.78 -7.50
N MET B 81 56.06 1.24 -6.74
CA MET B 81 54.95 2.01 -7.29
C MET B 81 55.36 3.46 -7.53
N GLU B 82 54.85 4.04 -8.62
CA GLU B 82 55.15 5.42 -8.96
C GLU B 82 53.91 6.30 -8.78
N ASP B 83 54.14 7.59 -8.53
CA ASP B 83 53.05 8.53 -8.41
C ASP B 83 52.24 8.55 -9.70
N ASN B 84 50.93 8.37 -9.55
CA ASN B 84 49.90 8.26 -10.58
C ASN B 84 49.78 6.86 -11.17
N ASP B 85 50.56 5.88 -10.70
CA ASP B 85 50.30 4.50 -11.11
C ASP B 85 48.91 4.08 -10.63
N ILE B 86 48.27 3.22 -11.42
CA ILE B 86 46.86 2.90 -11.21
C ILE B 86 46.74 1.48 -10.67
N ILE B 87 45.66 1.23 -9.94
CA ILE B 87 45.35 -0.08 -9.37
C ILE B 87 44.00 -0.53 -9.91
N GLU B 88 43.94 -1.72 -10.48
CA GLU B 88 42.67 -2.24 -10.94
C GLU B 88 41.92 -2.89 -9.77
N ALA B 89 40.64 -3.19 -9.99
CA ALA B 89 39.80 -3.78 -8.96
C ALA B 89 38.64 -4.51 -9.61
N HIS B 90 38.52 -5.81 -9.37
CA HIS B 90 37.48 -6.60 -9.99
C HIS B 90 36.93 -7.67 -9.05
N SER B 97 35.21 -12.46 -18.21
CA SER B 97 34.79 -11.09 -18.55
C SER B 97 34.55 -10.93 -20.05
N THR B 98 33.30 -11.06 -20.46
CA THR B 98 32.93 -11.06 -21.87
C THR B 98 31.92 -9.98 -22.14
N VAL B 99 32.19 -9.15 -23.16
CA VAL B 99 31.28 -8.09 -23.56
C VAL B 99 30.44 -8.59 -24.73
N VAL B 100 29.14 -8.63 -24.53
CA VAL B 100 28.20 -9.11 -25.53
C VAL B 100 27.59 -7.91 -26.24
N THR B 101 27.65 -7.92 -27.58
CA THR B 101 27.03 -6.88 -28.39
C THR B 101 25.75 -7.46 -28.98
N THR B 102 24.61 -7.02 -28.46
CA THR B 102 23.35 -7.55 -28.94
C THR B 102 23.07 -7.04 -30.36
N GLU B 103 22.03 -7.62 -30.97
CA GLU B 103 21.58 -7.16 -32.27
C GLU B 103 21.16 -5.69 -32.25
N SER B 104 20.78 -5.16 -31.08
CA SER B 104 20.32 -3.78 -30.96
C SER B 104 21.44 -2.76 -31.05
N GLY B 105 22.68 -3.20 -30.86
CA GLY B 105 23.74 -2.31 -30.49
C GLY B 105 23.98 -2.22 -29.01
N LEU B 106 23.04 -2.71 -28.20
CA LEU B 106 23.28 -2.81 -26.78
C LEU B 106 24.53 -3.63 -26.52
N LYS B 107 25.36 -3.16 -25.61
CA LYS B 107 26.44 -3.96 -25.06
C LYS B 107 26.15 -4.15 -23.58
N TYR B 108 26.57 -5.30 -23.06
CA TYR B 108 26.40 -5.60 -21.65
C TYR B 108 27.51 -6.54 -21.24
N GLU B 109 27.92 -6.44 -19.98
CA GLU B 109 28.92 -7.34 -19.41
C GLU B 109 28.46 -7.71 -18.01
N ASP B 110 28.36 -9.01 -17.73
CA ASP B 110 28.03 -9.46 -16.38
C ASP B 110 29.30 -9.45 -15.55
N LEU B 111 29.39 -8.53 -14.59
CA LEU B 111 30.56 -8.52 -13.71
C LEU B 111 30.46 -9.66 -12.71
N THR B 112 29.29 -9.80 -12.10
CA THR B 112 28.94 -10.91 -11.24
C THR B 112 27.82 -11.67 -11.91
N GLU B 113 27.95 -12.99 -12.01
CA GLU B 113 26.83 -13.82 -12.38
C GLU B 113 26.00 -14.07 -11.14
N GLY B 114 24.74 -13.64 -11.15
CA GLY B 114 23.87 -13.92 -10.02
C GLY B 114 23.59 -15.40 -9.86
N SER B 115 23.33 -15.81 -8.62
CA SER B 115 22.88 -17.18 -8.36
C SER B 115 21.38 -17.27 -8.14
N GLY B 116 20.70 -16.16 -7.88
CA GLY B 116 19.27 -16.21 -7.66
C GLY B 116 18.42 -16.55 -8.87
N ALA B 117 17.16 -16.10 -8.85
CA ALA B 117 16.25 -16.29 -9.96
C ALA B 117 16.55 -15.29 -11.07
N GLU B 118 16.03 -15.56 -12.27
CA GLU B 118 16.42 -14.86 -13.48
C GLU B 118 15.37 -13.85 -13.93
N ALA B 119 15.80 -12.61 -14.15
CA ALA B 119 14.89 -11.54 -14.52
C ALA B 119 14.27 -11.78 -15.89
N ARG B 120 12.98 -11.52 -16.01
CA ARG B 120 12.23 -11.85 -17.21
C ARG B 120 11.12 -10.83 -17.39
N ALA B 121 10.76 -10.59 -18.66
CA ALA B 121 9.79 -9.57 -19.00
C ALA B 121 8.44 -9.81 -18.33
N GLY B 122 7.83 -8.71 -17.86
CA GLY B 122 6.58 -8.73 -17.14
C GLY B 122 6.73 -8.72 -15.63
N GLN B 123 7.94 -8.92 -15.12
CA GLN B 123 8.18 -8.92 -13.69
C GLN B 123 8.72 -7.56 -13.23
N THR B 124 8.42 -7.24 -11.98
CA THR B 124 9.04 -6.12 -11.27
C THR B 124 10.45 -6.53 -10.83
N VAL B 125 11.42 -5.66 -11.05
CA VAL B 125 12.78 -5.88 -10.59
C VAL B 125 13.23 -4.68 -9.79
N SER B 126 13.87 -4.91 -8.65
CA SER B 126 14.46 -3.85 -7.86
C SER B 126 15.97 -3.89 -8.01
N VAL B 127 16.58 -2.73 -8.25
CA VAL B 127 18.02 -2.66 -8.50
C VAL B 127 18.64 -1.50 -7.74
N HIS B 128 19.95 -1.53 -7.71
CA HIS B 128 20.76 -0.35 -7.48
C HIS B 128 21.59 -0.11 -8.73
N TYR B 129 21.87 1.15 -9.03
CA TYR B 129 22.58 1.46 -10.28
C TYR B 129 23.33 2.77 -10.16
N THR B 130 24.32 2.93 -11.04
CA THR B 130 24.93 4.23 -11.29
C THR B 130 25.07 4.41 -12.79
N GLY B 131 24.86 5.64 -13.25
CA GLY B 131 24.93 5.98 -14.67
C GLY B 131 26.08 6.95 -14.92
N TRP B 132 26.78 6.73 -16.04
CA TRP B 132 27.87 7.62 -16.44
C TRP B 132 27.77 7.93 -17.92
N LEU B 133 28.32 9.08 -18.30
CA LEU B 133 28.60 9.37 -19.70
C LEU B 133 29.95 8.78 -20.07
N THR B 134 30.22 8.73 -21.38
CA THR B 134 31.44 8.05 -21.82
C THR B 134 32.70 8.78 -21.41
N ASP B 135 32.61 10.07 -21.04
CA ASP B 135 33.75 10.82 -20.53
C ASP B 135 34.00 10.56 -19.05
N GLY B 136 33.26 9.63 -18.45
CA GLY B 136 33.46 9.23 -17.07
C GLY B 136 32.65 9.97 -16.04
N GLN B 137 31.74 10.84 -16.46
CA GLN B 137 31.02 11.72 -15.54
C GLN B 137 29.75 11.02 -15.08
N LYS B 138 29.61 10.85 -13.77
CA LYS B 138 28.40 10.27 -13.22
C LYS B 138 27.26 11.26 -13.35
N PHE B 139 26.11 10.79 -13.84
CA PHE B 139 24.96 11.68 -13.92
C PHE B 139 23.82 11.31 -12.99
N ASP B 140 23.78 10.10 -12.44
CA ASP B 140 22.76 9.72 -11.48
C ASP B 140 23.16 8.45 -10.76
N SER B 141 22.51 8.20 -9.62
CA SER B 141 22.71 6.96 -8.88
C SER B 141 21.54 6.76 -7.92
N SER B 142 21.01 5.53 -7.88
CA SER B 142 19.96 5.21 -6.92
C SER B 142 20.48 5.26 -5.49
N LYS B 143 21.78 5.03 -5.32
CA LYS B 143 22.41 5.06 -4.00
C LYS B 143 22.59 6.48 -3.47
N ASP B 144 22.31 7.52 -4.27
CA ASP B 144 22.31 8.88 -3.75
C ASP B 144 21.32 9.02 -2.58
N ARG B 145 20.05 8.68 -2.80
CA ARG B 145 19.06 8.69 -1.73
C ARG B 145 18.92 7.33 -1.05
N ASN B 146 19.91 6.44 -1.20
CA ASN B 146 19.87 5.09 -0.66
C ASN B 146 18.50 4.44 -0.82
N ASP B 147 17.93 4.59 -2.01
CA ASP B 147 16.62 4.03 -2.33
C ASP B 147 16.74 3.15 -3.58
N PRO B 148 16.60 1.83 -3.44
CA PRO B 148 16.52 0.97 -4.63
C PRO B 148 15.46 1.46 -5.60
N PHE B 149 15.75 1.23 -6.87
CA PHE B 149 14.92 1.59 -8.01
C PHE B 149 14.28 0.32 -8.54
N ALA B 150 12.99 0.39 -8.86
CA ALA B 150 12.26 -0.76 -9.36
C ALA B 150 11.39 -0.34 -10.54
N PHE B 151 11.17 -1.27 -11.46
CA PHE B 151 10.34 -1.05 -12.63
C PHE B 151 9.83 -2.39 -13.14
N VAL B 152 8.71 -2.35 -13.87
CA VAL B 152 8.22 -3.57 -14.52
C VAL B 152 9.02 -3.79 -15.80
N LEU B 153 9.72 -4.92 -15.87
CA LEU B 153 10.61 -5.21 -16.99
C LEU B 153 9.83 -5.38 -18.29
N GLY B 154 10.29 -4.72 -19.35
CA GLY B 154 9.63 -4.83 -20.65
C GLY B 154 8.34 -4.08 -20.75
N GLY B 155 8.04 -3.23 -19.76
CA GLY B 155 6.81 -2.48 -19.71
C GLY B 155 6.95 -1.02 -20.08
N GLY B 156 8.09 -0.61 -20.64
CA GLY B 156 8.22 0.73 -21.19
C GLY B 156 8.30 1.88 -20.20
N MET B 157 8.58 1.64 -18.92
CA MET B 157 8.69 2.71 -17.94
C MET B 157 10.10 3.27 -17.80
N VAL B 158 11.08 2.69 -18.50
CA VAL B 158 12.47 3.12 -18.48
C VAL B 158 12.98 3.14 -19.93
N ILE B 159 14.21 3.61 -20.12
CA ILE B 159 14.78 3.67 -21.47
C ILE B 159 14.90 2.25 -22.04
N LYS B 160 14.83 2.17 -23.38
CA LYS B 160 14.75 0.89 -24.08
C LYS B 160 15.94 -0.03 -23.81
N GLY B 161 17.12 0.53 -23.51
CA GLY B 161 18.28 -0.29 -23.21
C GLY B 161 18.22 -0.99 -21.86
N TRP B 162 17.46 -0.45 -20.91
CA TRP B 162 17.29 -1.12 -19.62
C TRP B 162 16.30 -2.26 -19.72
N ASP B 163 15.21 -2.05 -20.49
CA ASP B 163 14.24 -3.13 -20.74
C ASP B 163 14.89 -4.32 -21.41
N GLU B 164 15.89 -4.09 -22.25
CA GLU B 164 16.59 -5.20 -22.88
C GLU B 164 17.67 -5.77 -21.98
N GLY B 165 18.46 -4.90 -21.36
CA GLY B 165 19.71 -5.33 -20.73
C GLY B 165 19.54 -6.02 -19.40
N VAL B 166 18.50 -5.67 -18.63
CA VAL B 166 18.30 -6.35 -17.34
C VAL B 166 17.70 -7.72 -17.52
N GLN B 167 16.99 -7.97 -18.63
CA GLN B 167 16.55 -9.33 -18.97
C GLN B 167 17.74 -10.27 -19.00
N GLY B 168 17.63 -11.38 -18.29
CA GLY B 168 18.69 -12.34 -18.17
C GLY B 168 19.48 -12.27 -16.88
N MET B 169 19.47 -11.13 -16.20
CA MET B 169 20.17 -11.03 -14.92
C MET B 169 19.61 -12.05 -13.92
N LYS B 170 20.45 -12.51 -13.02
CA LYS B 170 19.99 -13.23 -11.84
C LYS B 170 20.25 -12.35 -10.62
N VAL B 171 19.46 -12.60 -9.56
CA VAL B 171 19.62 -11.82 -8.34
C VAL B 171 21.02 -12.05 -7.79
N GLY B 172 21.69 -10.96 -7.39
CA GLY B 172 23.09 -10.99 -7.07
C GLY B 172 23.98 -10.49 -8.20
N GLY B 173 23.53 -10.65 -9.45
CA GLY B 173 24.36 -10.29 -10.57
C GLY B 173 24.59 -8.79 -10.65
N VAL B 174 25.68 -8.40 -11.29
CA VAL B 174 25.93 -7.00 -11.58
C VAL B 174 26.32 -6.89 -13.05
N ARG B 175 25.60 -6.07 -13.80
CA ARG B 175 25.79 -5.98 -15.23
C ARG B 175 26.09 -4.54 -15.65
N ARG B 176 27.16 -4.37 -16.42
CA ARG B 176 27.50 -3.06 -16.96
C ARG B 176 26.82 -2.90 -18.32
N LEU B 177 25.98 -1.89 -18.45
CA LEU B 177 25.25 -1.62 -19.68
C LEU B 177 25.89 -0.44 -20.40
N THR B 178 26.24 -0.64 -21.67
CA THR B 178 26.75 0.42 -22.53
C THR B 178 25.65 0.70 -23.55
N ILE B 179 24.92 1.80 -23.36
CA ILE B 179 23.65 2.00 -24.04
C ILE B 179 23.84 3.04 -25.14
N PRO B 180 23.63 2.70 -26.40
CA PRO B 180 23.75 3.69 -27.49
C PRO B 180 22.55 4.64 -27.48
N PRO B 181 22.69 5.83 -28.06
CA PRO B 181 21.67 6.88 -27.84
C PRO B 181 20.27 6.53 -28.33
N GLN B 182 20.14 5.74 -29.39
CA GLN B 182 18.79 5.39 -29.83
C GLN B 182 18.06 4.51 -28.81
N LEU B 183 18.79 3.76 -27.98
CA LEU B 183 18.18 3.03 -26.88
C LEU B 183 18.26 3.81 -25.56
N GLY B 184 18.61 5.10 -25.62
CA GLY B 184 18.83 5.92 -24.44
C GLY B 184 17.90 7.11 -24.38
N TYR B 185 18.47 8.33 -24.31
CA TYR B 185 17.69 9.55 -24.40
C TYR B 185 17.83 10.24 -25.75
N GLY B 186 18.35 9.56 -26.76
CA GLY B 186 18.27 10.00 -28.15
C GLY B 186 18.87 11.35 -28.42
N ALA B 187 18.31 12.02 -29.44
CA ALA B 187 18.83 13.32 -29.86
C ALA B 187 18.42 14.43 -28.91
N ARG B 188 17.27 14.31 -28.25
CA ARG B 188 16.92 15.37 -27.32
C ARG B 188 17.77 15.31 -26.05
N GLY B 189 18.25 14.14 -25.67
CA GLY B 189 18.92 14.06 -24.38
C GLY B 189 18.02 14.49 -23.22
N ALA B 190 18.67 14.81 -22.12
CA ALA B 190 18.01 15.15 -20.85
C ALA B 190 18.66 16.42 -20.37
N GLY B 191 18.09 17.55 -20.79
CA GLY B 191 18.60 18.90 -20.70
C GLY B 191 19.75 19.18 -19.76
N GLY B 192 20.96 19.24 -20.32
CA GLY B 192 22.14 19.64 -19.59
C GLY B 192 22.86 18.49 -18.90
N VAL B 193 22.13 17.52 -18.37
CA VAL B 193 22.76 16.40 -17.69
C VAL B 193 23.20 15.33 -18.68
N ILE B 194 22.28 14.83 -19.50
CA ILE B 194 22.61 13.90 -20.57
C ILE B 194 22.61 14.70 -21.88
N PRO B 195 23.77 14.90 -22.51
CA PRO B 195 23.82 15.65 -23.76
C PRO B 195 23.13 14.89 -24.88
N PRO B 196 22.85 15.55 -26.00
CA PRO B 196 22.27 14.86 -27.16
C PRO B 196 23.16 13.74 -27.69
N ASN B 197 22.52 12.71 -28.25
CA ASN B 197 23.20 11.61 -28.95
C ASN B 197 24.23 10.90 -28.08
N ALA B 198 24.06 10.97 -26.75
CA ALA B 198 25.04 10.42 -25.82
C ALA B 198 24.91 8.92 -25.65
N THR B 199 26.06 8.24 -25.56
CA THR B 199 26.16 6.83 -25.17
C THR B 199 26.22 6.74 -23.65
N LEU B 200 25.39 5.88 -23.06
CA LEU B 200 25.26 5.81 -21.62
C LEU B 200 25.84 4.51 -21.06
N VAL B 201 26.57 4.63 -19.94
CA VAL B 201 27.11 3.49 -19.23
C VAL B 201 26.35 3.34 -17.91
N PHE B 202 25.89 2.13 -17.61
CA PHE B 202 25.15 1.83 -16.39
C PHE B 202 25.68 0.56 -15.75
N GLU B 203 26.00 0.63 -14.47
CA GLU B 203 26.23 -0.55 -13.64
C GLU B 203 24.96 -0.84 -12.85
N VAL B 204 24.42 -2.04 -13.01
CA VAL B 204 23.13 -2.40 -12.42
C VAL B 204 23.33 -3.64 -11.57
N GLU B 205 22.97 -3.55 -10.29
CA GLU B 205 22.92 -4.70 -9.38
C GLU B 205 21.46 -5.06 -9.14
N LEU B 206 21.05 -6.25 -9.58
CA LEU B 206 19.70 -6.75 -9.35
C LEU B 206 19.55 -7.23 -7.92
N LEU B 207 18.59 -6.66 -7.19
CA LEU B 207 18.35 -7.00 -5.79
C LEU B 207 17.21 -7.97 -5.56
N ASP B 208 16.18 -7.97 -6.41
CA ASP B 208 15.05 -8.88 -6.26
C ASP B 208 14.31 -8.95 -7.59
N VAL B 209 13.60 -10.06 -7.78
CA VAL B 209 12.60 -10.17 -8.84
C VAL B 209 11.31 -10.76 -8.28
N HIS C 21 -42.66 9.96 25.89
CA HIS C 21 -41.86 9.19 24.93
C HIS C 21 -42.63 7.95 24.48
N ILE C 22 -42.46 7.57 23.21
CA ILE C 22 -43.19 6.47 22.60
C ILE C 22 -42.22 5.57 21.86
N ASN C 23 -42.34 4.26 22.08
CA ASN C 23 -41.54 3.26 21.38
C ASN C 23 -42.30 2.78 20.14
N LEU C 24 -41.69 2.95 18.97
CA LEU C 24 -42.28 2.51 17.71
C LEU C 24 -41.34 1.53 17.03
N LYS C 25 -41.93 0.68 16.18
CA LYS C 25 -41.17 -0.26 15.38
C LYS C 25 -41.42 0.02 13.90
N VAL C 26 -40.35 -0.01 13.12
CA VAL C 26 -40.45 0.20 11.68
C VAL C 26 -39.90 -1.05 11.00
N SER C 27 -40.68 -1.64 10.08
CA SER C 27 -40.30 -2.84 9.36
C SER C 27 -40.40 -2.58 7.86
N ASP C 28 -39.37 -3.02 7.12
CA ASP C 28 -39.33 -2.93 5.67
C ASP C 28 -39.52 -4.29 5.00
N GLY C 29 -39.95 -5.31 5.75
CA GLY C 29 -40.09 -6.65 5.22
C GLY C 29 -38.84 -7.50 5.33
N SER C 30 -37.74 -6.95 5.80
CA SER C 30 -36.49 -7.67 6.00
C SER C 30 -35.82 -7.34 7.32
N SER C 31 -35.89 -6.08 7.77
CA SER C 31 -35.26 -5.65 9.01
C SER C 31 -36.24 -4.80 9.81
N GLU C 32 -36.48 -5.19 11.06
CA GLU C 32 -37.30 -4.43 11.99
C GLU C 32 -36.38 -3.58 12.88
N ILE C 33 -36.68 -2.28 12.96
CA ILE C 33 -35.87 -1.34 13.73
C ILE C 33 -36.78 -0.59 14.68
N PHE C 34 -36.41 -0.53 15.96
CA PHE C 34 -37.22 0.10 16.98
C PHE C 34 -36.72 1.51 17.25
N PHE C 35 -37.66 2.44 17.47
CA PHE C 35 -37.35 3.84 17.72
C PHE C 35 -38.08 4.32 18.98
N LYS C 36 -37.45 5.23 19.71
CA LYS C 36 -38.04 5.84 20.90
C LYS C 36 -37.92 7.36 20.80
N ILE C 37 -39.02 8.03 20.48
CA ILE C 37 -39.03 9.48 20.27
C ILE C 37 -40.05 10.13 21.19
N LYS C 38 -39.93 11.45 21.32
CA LYS C 38 -40.89 12.22 22.09
C LYS C 38 -42.18 12.38 21.29
N LYS C 39 -43.31 12.34 21.99
CA LYS C 39 -44.63 12.42 21.34
C LYS C 39 -44.80 13.71 20.54
N THR C 40 -44.05 14.76 20.88
CA THR C 40 -44.08 16.00 20.12
C THR C 40 -43.08 16.02 18.97
N THR C 41 -42.00 15.26 19.08
CA THR C 41 -40.96 15.25 18.04
C THR C 41 -41.54 14.71 16.72
N PRO C 42 -41.34 15.40 15.61
CA PRO C 42 -41.94 14.94 14.34
C PRO C 42 -41.33 13.63 13.86
N LEU C 43 -42.13 12.91 13.06
CA LEU C 43 -41.71 11.61 12.56
C LEU C 43 -40.67 11.70 11.45
N ARG C 44 -40.36 12.90 10.95
CA ARG C 44 -39.35 13.04 9.90
C ARG C 44 -38.00 12.50 10.33
N ARG C 45 -37.60 12.81 11.57
CA ARG C 45 -36.31 12.34 12.08
C ARG C 45 -36.24 10.82 12.07
N LEU C 46 -37.33 10.15 12.45
CA LEU C 46 -37.37 8.70 12.44
C LEU C 46 -37.24 8.15 11.02
N MET C 47 -37.98 8.72 10.06
CA MET C 47 -37.97 8.21 8.70
C MET C 47 -36.58 8.32 8.09
N GLU C 48 -35.98 9.51 8.14
CA GLU C 48 -34.65 9.70 7.59
C GLU C 48 -33.65 8.71 8.21
N ALA C 49 -33.80 8.44 9.51
CA ALA C 49 -32.83 7.57 10.20
C ALA C 49 -33.00 6.12 9.79
N PHE C 50 -34.24 5.62 9.75
CA PHE C 50 -34.47 4.27 9.23
C PHE C 50 -33.94 4.15 7.81
N ALA C 51 -34.15 5.18 6.99
CA ALA C 51 -33.68 5.14 5.61
C ALA C 51 -32.15 5.07 5.57
N LYS C 52 -31.47 5.86 6.39
CA LYS C 52 -30.01 5.84 6.39
C LYS C 52 -29.48 4.45 6.77
N ARG C 53 -30.11 3.79 7.74
CA ARG C 53 -29.69 2.46 8.17
C ARG C 53 -29.91 1.38 7.12
N GLN C 54 -30.60 1.68 6.01
CA GLN C 54 -30.82 0.73 4.94
C GLN C 54 -29.93 0.99 3.73
N GLY C 55 -29.26 2.13 3.67
CA GLY C 55 -28.50 2.52 2.51
C GLY C 55 -29.29 3.24 1.44
N LYS C 56 -30.59 3.43 1.65
CA LYS C 56 -31.45 4.10 0.69
C LYS C 56 -31.78 5.50 1.18
N GLU C 57 -31.82 6.45 0.26
CA GLU C 57 -32.28 7.79 0.59
C GLU C 57 -33.77 7.76 0.87
N MET C 58 -34.20 8.60 1.82
CA MET C 58 -35.60 8.62 2.22
C MET C 58 -36.52 8.91 1.05
N ASP C 59 -36.01 9.60 0.02
CA ASP C 59 -36.81 9.92 -1.16
C ASP C 59 -37.33 8.69 -1.87
N SER C 60 -36.80 7.50 -1.57
CA SER C 60 -37.19 6.26 -2.23
C SER C 60 -38.11 5.39 -1.40
N LEU C 61 -38.13 5.55 -0.09
CA LEU C 61 -38.92 4.70 0.79
C LEU C 61 -40.23 5.39 1.13
N ARG C 62 -41.31 4.61 1.15
CA ARG C 62 -42.65 5.12 1.42
C ARG C 62 -43.16 4.51 2.72
N PHE C 63 -43.63 5.35 3.64
CA PHE C 63 -43.96 4.94 4.99
C PHE C 63 -45.46 5.04 5.24
N LEU C 64 -46.07 3.94 5.68
CA LEU C 64 -47.49 3.91 5.97
C LEU C 64 -47.72 3.44 7.40
N TYR C 65 -48.72 4.00 8.06
CA TYR C 65 -49.12 3.60 9.40
C TYR C 65 -50.60 3.23 9.38
N ASP C 66 -50.88 1.95 9.63
CA ASP C 66 -52.25 1.42 9.64
C ASP C 66 -52.95 1.63 8.31
N GLY C 67 -52.19 1.70 7.22
CA GLY C 67 -52.75 1.91 5.90
C GLY C 67 -52.77 3.36 5.43
N ILE C 68 -52.19 4.29 6.20
CA ILE C 68 -52.13 5.70 5.83
C ILE C 68 -50.68 6.10 5.71
N ARG C 69 -50.34 6.79 4.62
CA ARG C 69 -48.95 7.14 4.31
C ARG C 69 -48.49 8.30 5.18
N ILE C 70 -47.57 8.01 6.11
CA ILE C 70 -47.07 9.06 7.01
C ILE C 70 -46.49 10.22 6.21
N GLN C 71 -46.61 11.42 6.78
CA GLN C 71 -45.95 12.61 6.26
C GLN C 71 -44.88 13.06 7.25
N ALA C 72 -43.75 13.55 6.72
CA ALA C 72 -42.64 13.95 7.59
C ALA C 72 -43.07 15.00 8.59
N ASP C 73 -43.88 15.98 8.17
CA ASP C 73 -44.29 17.07 9.04
C ASP C 73 -45.09 16.58 10.24
N GLN C 74 -45.66 15.38 10.19
CA GLN C 74 -46.54 14.91 11.24
C GLN C 74 -45.77 14.49 12.48
N THR C 75 -46.30 14.87 13.67
CA THR C 75 -45.89 14.39 14.99
C THR C 75 -46.72 13.17 15.38
N PRO C 76 -46.15 12.22 16.11
CA PRO C 76 -46.89 10.99 16.43
C PRO C 76 -48.13 11.21 17.28
N GLU C 77 -48.18 12.30 18.06
CA GLU C 77 -49.41 12.62 18.79
C GLU C 77 -50.54 12.96 17.83
N ASP C 78 -50.21 13.58 16.69
CA ASP C 78 -51.20 13.88 15.67
C ASP C 78 -51.88 12.64 15.12
N LEU C 79 -51.27 11.46 15.29
CA LEU C 79 -51.78 10.24 14.70
C LEU C 79 -52.28 9.24 15.74
N ASP C 80 -52.33 9.64 17.01
CA ASP C 80 -52.84 8.80 18.09
C ASP C 80 -52.12 7.46 18.15
N MET C 81 -50.78 7.51 18.06
CA MET C 81 -49.96 6.32 18.05
C MET C 81 -49.83 5.75 19.47
N GLU C 82 -50.09 4.46 19.61
CA GLU C 82 -49.86 3.76 20.86
C GLU C 82 -48.43 3.26 20.91
N ASP C 83 -47.92 3.08 22.12
CA ASP C 83 -46.59 2.51 22.28
C ASP C 83 -46.52 1.15 21.59
N ASN C 84 -45.39 0.90 20.92
CA ASN C 84 -45.19 -0.30 20.10
C ASN C 84 -46.13 -0.35 18.89
N ASP C 85 -46.51 0.81 18.34
CA ASP C 85 -47.23 0.83 17.08
C ASP C 85 -46.25 0.68 15.92
N ILE C 86 -46.58 -0.19 14.97
CA ILE C 86 -45.67 -0.53 13.88
C ILE C 86 -45.88 0.41 12.70
N ILE C 87 -44.85 0.52 11.86
CA ILE C 87 -44.88 1.38 10.67
C ILE C 87 -44.26 0.61 9.50
N GLU C 88 -44.94 0.59 8.36
CA GLU C 88 -44.44 -0.09 7.18
C GLU C 88 -43.52 0.84 6.37
N ALA C 89 -42.78 0.25 5.42
CA ALA C 89 -41.83 0.99 4.60
C ALA C 89 -41.67 0.31 3.24
N HIS C 90 -42.09 0.98 2.17
CA HIS C 90 -42.04 0.38 0.84
C HIS C 90 -41.43 1.31 -0.20
N SER C 97 -46.24 -6.45 -3.31
CA SER C 97 -47.32 -6.09 -4.22
C SER C 97 -47.81 -7.33 -4.96
N THR C 98 -46.89 -8.02 -5.63
CA THR C 98 -47.18 -9.23 -6.38
C THR C 98 -46.16 -10.30 -5.99
N VAL C 99 -46.59 -11.28 -5.21
CA VAL C 99 -45.74 -12.39 -4.81
C VAL C 99 -46.01 -13.54 -5.77
N VAL C 100 -45.06 -13.83 -6.65
CA VAL C 100 -45.20 -14.88 -7.65
C VAL C 100 -44.70 -16.19 -7.06
N THR C 101 -45.55 -17.23 -7.11
CA THR C 101 -45.14 -18.57 -6.74
C THR C 101 -45.12 -19.43 -8.00
N THR C 102 -43.97 -20.00 -8.29
CA THR C 102 -43.78 -20.65 -9.56
C THR C 102 -44.19 -22.11 -9.48
N GLU C 103 -44.23 -22.76 -10.64
CA GLU C 103 -44.61 -24.16 -10.68
C GLU C 103 -43.66 -25.04 -9.89
N SER C 104 -42.45 -24.55 -9.57
CA SER C 104 -41.45 -25.32 -8.84
C SER C 104 -41.39 -25.00 -7.34
N GLY C 105 -42.20 -24.06 -6.86
CA GLY C 105 -42.16 -23.69 -5.45
C GLY C 105 -41.37 -22.44 -5.13
N LEU C 106 -40.58 -21.94 -6.06
CA LEU C 106 -39.92 -20.67 -5.82
C LEU C 106 -40.97 -19.60 -5.56
N LYS C 107 -40.68 -18.72 -4.61
CA LYS C 107 -41.44 -17.49 -4.44
C LYS C 107 -40.53 -16.33 -4.76
N TYR C 108 -41.04 -15.32 -5.45
CA TYR C 108 -40.26 -14.10 -5.63
C TYR C 108 -41.19 -12.89 -5.71
N GLU C 109 -40.60 -11.72 -5.46
CA GLU C 109 -41.34 -10.47 -5.41
C GLU C 109 -40.43 -9.35 -5.91
N ASP C 110 -40.89 -8.60 -6.91
CA ASP C 110 -40.14 -7.44 -7.38
C ASP C 110 -40.34 -6.30 -6.38
N LEU C 111 -39.29 -5.90 -5.68
CA LEU C 111 -39.41 -4.72 -4.83
C LEU C 111 -39.30 -3.44 -5.64
N THR C 112 -38.35 -3.38 -6.57
CA THR C 112 -38.28 -2.34 -7.59
C THR C 112 -38.19 -3.02 -8.95
N GLU C 113 -38.90 -2.48 -9.94
CA GLU C 113 -38.79 -2.98 -11.30
C GLU C 113 -37.70 -2.21 -12.01
N GLY C 114 -36.78 -2.94 -12.62
CA GLY C 114 -35.62 -2.30 -13.21
C GLY C 114 -35.99 -1.53 -14.47
N SER C 115 -35.33 -0.38 -14.63
CA SER C 115 -35.47 0.40 -15.87
C SER C 115 -34.64 -0.19 -17.00
N GLY C 116 -33.59 -0.93 -16.67
CA GLY C 116 -32.60 -1.33 -17.63
C GLY C 116 -33.01 -2.50 -18.50
N ALA C 117 -31.98 -3.18 -18.99
CA ALA C 117 -32.14 -4.33 -19.87
C ALA C 117 -32.56 -5.55 -19.08
N GLU C 118 -33.33 -6.43 -19.71
CA GLU C 118 -33.84 -7.60 -19.03
C GLU C 118 -32.84 -8.75 -19.04
N ALA C 119 -32.63 -9.38 -17.89
CA ALA C 119 -31.76 -10.54 -17.82
C ALA C 119 -32.44 -11.75 -18.47
N ARG C 120 -31.70 -12.45 -19.32
CA ARG C 120 -32.19 -13.66 -19.97
C ARG C 120 -31.19 -14.79 -19.77
N ALA C 121 -31.68 -16.02 -19.90
CA ALA C 121 -30.81 -17.18 -19.71
C ALA C 121 -29.69 -17.16 -20.73
N GLY C 122 -28.48 -17.51 -20.29
CA GLY C 122 -27.29 -17.56 -21.12
C GLY C 122 -26.41 -16.32 -21.10
N GLN C 123 -26.79 -15.30 -20.34
CA GLN C 123 -26.00 -14.08 -20.23
C GLN C 123 -25.27 -14.06 -18.89
N THR C 124 -24.10 -13.45 -18.88
CA THR C 124 -23.40 -13.25 -17.61
C THR C 124 -23.99 -12.02 -16.93
N VAL C 125 -24.56 -12.24 -15.74
CA VAL C 125 -25.15 -11.17 -14.97
C VAL C 125 -24.27 -10.93 -13.74
N SER C 126 -24.37 -9.72 -13.22
CA SER C 126 -23.58 -9.26 -12.10
C SER C 126 -24.56 -8.63 -11.12
N VAL C 127 -24.53 -9.08 -9.88
CA VAL C 127 -25.57 -8.69 -8.92
C VAL C 127 -24.93 -8.32 -7.60
N HIS C 128 -25.71 -7.59 -6.81
CA HIS C 128 -25.55 -7.54 -5.37
C HIS C 128 -26.71 -8.28 -4.72
N TYR C 129 -26.45 -8.87 -3.56
CA TYR C 129 -27.46 -9.67 -2.88
C TYR C 129 -27.22 -9.62 -1.38
N THR C 130 -28.24 -10.06 -0.66
CA THR C 130 -28.13 -10.40 0.74
C THR C 130 -28.93 -11.68 0.96
N GLY C 131 -28.36 -12.60 1.72
CA GLY C 131 -29.03 -13.86 2.01
C GLY C 131 -29.28 -14.02 3.49
N TRP C 132 -30.51 -14.41 3.85
CA TRP C 132 -30.92 -14.64 5.22
C TRP C 132 -31.59 -16.01 5.32
N LEU C 133 -31.51 -16.61 6.50
CA LEU C 133 -32.33 -17.77 6.81
C LEU C 133 -33.69 -17.32 7.33
N THR C 134 -34.66 -18.23 7.32
CA THR C 134 -36.03 -17.90 7.75
C THR C 134 -36.15 -17.37 9.17
N ASP C 135 -35.05 -17.27 9.93
CA ASP C 135 -35.09 -16.68 11.26
C ASP C 135 -34.45 -15.30 11.32
N GLY C 136 -34.09 -14.71 10.18
CA GLY C 136 -33.46 -13.41 10.15
C GLY C 136 -31.95 -13.42 10.11
N GLN C 137 -31.32 -14.55 10.45
CA GLN C 137 -29.87 -14.65 10.42
C GLN C 137 -29.34 -14.42 9.01
N LYS C 138 -28.64 -13.30 8.82
CA LYS C 138 -27.96 -13.00 7.56
C LYS C 138 -26.74 -13.91 7.41
N PHE C 139 -26.70 -14.69 6.32
CA PHE C 139 -25.54 -15.54 6.12
C PHE C 139 -24.57 -14.98 5.08
N ASP C 140 -24.97 -14.02 4.25
CA ASP C 140 -23.99 -13.26 3.48
C ASP C 140 -24.61 -11.96 3.01
N SER C 141 -23.76 -10.96 2.81
CA SER C 141 -24.13 -9.74 2.09
C SER C 141 -23.03 -9.42 1.10
N SER C 142 -23.37 -9.33 -0.19
CA SER C 142 -22.34 -9.01 -1.18
C SER C 142 -21.85 -7.58 -1.03
N LYS C 143 -22.76 -6.66 -0.67
CA LYS C 143 -22.37 -5.26 -0.52
C LYS C 143 -21.43 -5.06 0.66
N ASP C 144 -21.57 -5.85 1.72
CA ASP C 144 -20.69 -5.72 2.87
C ASP C 144 -19.25 -6.07 2.55
N ARG C 145 -19.03 -6.79 1.45
CA ARG C 145 -17.71 -7.15 0.97
C ARG C 145 -17.36 -6.37 -0.30
N ASN C 146 -18.14 -5.34 -0.64
CA ASN C 146 -18.02 -4.59 -1.90
C ASN C 146 -17.68 -5.52 -3.07
N ASP C 147 -18.28 -6.71 -3.10
CA ASP C 147 -17.93 -7.75 -4.07
C ASP C 147 -19.14 -8.08 -4.93
N PRO C 148 -19.26 -7.49 -6.12
CA PRO C 148 -20.30 -7.94 -7.05
C PRO C 148 -20.16 -9.42 -7.35
N PHE C 149 -21.31 -10.07 -7.49
CA PHE C 149 -21.38 -11.50 -7.75
C PHE C 149 -21.82 -11.73 -9.18
N ALA C 150 -21.06 -12.55 -9.91
CA ALA C 150 -21.25 -12.78 -11.35
C ALA C 150 -21.47 -14.26 -11.64
N PHE C 151 -22.38 -14.56 -12.56
CA PHE C 151 -22.62 -15.93 -12.99
C PHE C 151 -23.38 -15.92 -14.31
N VAL C 152 -23.24 -17.02 -15.06
CA VAL C 152 -23.98 -17.22 -16.31
C VAL C 152 -25.38 -17.66 -15.96
N LEU C 153 -26.37 -16.87 -16.37
CA LEU C 153 -27.74 -17.17 -15.97
C LEU C 153 -28.21 -18.43 -16.67
N GLY C 154 -28.69 -19.40 -15.88
CA GLY C 154 -29.08 -20.70 -16.36
C GLY C 154 -27.94 -21.67 -16.52
N GLY C 155 -26.71 -21.27 -16.19
CA GLY C 155 -25.55 -22.09 -16.39
C GLY C 155 -25.30 -23.16 -15.34
N GLY C 156 -26.22 -23.32 -14.39
CA GLY C 156 -26.06 -24.31 -13.34
C GLY C 156 -24.92 -24.06 -12.39
N MET C 157 -24.48 -22.81 -12.23
CA MET C 157 -23.32 -22.49 -11.41
C MET C 157 -23.70 -21.99 -10.03
N VAL C 158 -25.00 -21.82 -9.77
CA VAL C 158 -25.56 -21.39 -8.50
C VAL C 158 -26.77 -22.28 -8.20
N ILE C 159 -27.34 -22.13 -7.01
CA ILE C 159 -28.55 -22.89 -6.64
C ILE C 159 -29.70 -22.56 -7.57
N LYS C 160 -30.60 -23.55 -7.72
CA LYS C 160 -31.62 -23.48 -8.77
C LYS C 160 -32.56 -22.31 -8.57
N GLY C 161 -32.88 -21.98 -7.32
CA GLY C 161 -33.71 -20.81 -7.07
C GLY C 161 -33.19 -19.55 -7.74
N TRP C 162 -31.87 -19.41 -7.86
CA TRP C 162 -31.34 -18.19 -8.46
C TRP C 162 -31.40 -18.27 -9.99
N ASP C 163 -31.07 -19.42 -10.58
CA ASP C 163 -31.10 -19.51 -12.03
C ASP C 163 -32.50 -19.24 -12.56
N GLU C 164 -33.51 -19.61 -11.77
CA GLU C 164 -34.90 -19.35 -12.10
C GLU C 164 -35.36 -17.98 -11.61
N GLY C 165 -34.96 -17.60 -10.39
CA GLY C 165 -35.46 -16.36 -9.82
C GLY C 165 -34.82 -15.11 -10.38
N VAL C 166 -33.57 -15.18 -10.84
CA VAL C 166 -32.96 -13.99 -11.40
C VAL C 166 -33.44 -13.72 -12.83
N GLN C 167 -34.03 -14.70 -13.51
CA GLN C 167 -34.55 -14.45 -14.84
C GLN C 167 -35.70 -13.45 -14.81
N GLY C 168 -35.72 -12.57 -15.79
CA GLY C 168 -36.79 -11.59 -15.90
C GLY C 168 -36.55 -10.32 -15.12
N MET C 169 -35.48 -10.24 -14.35
CA MET C 169 -35.10 -8.99 -13.74
C MET C 169 -34.50 -8.04 -14.77
N LYS C 170 -34.87 -6.77 -14.66
CA LYS C 170 -34.24 -5.74 -15.46
C LYS C 170 -33.13 -5.10 -14.65
N VAL C 171 -32.11 -4.58 -15.35
CA VAL C 171 -31.04 -3.84 -14.71
C VAL C 171 -31.64 -2.73 -13.87
N GLY C 172 -31.10 -2.54 -12.66
CA GLY C 172 -31.62 -1.58 -11.71
C GLY C 172 -32.60 -2.16 -10.72
N GLY C 173 -33.21 -3.32 -11.04
CA GLY C 173 -34.27 -3.86 -10.21
C GLY C 173 -33.79 -4.51 -8.93
N VAL C 174 -34.74 -4.79 -8.06
CA VAL C 174 -34.50 -5.48 -6.81
C VAL C 174 -35.60 -6.51 -6.65
N ARG C 175 -35.23 -7.76 -6.40
CA ARG C 175 -36.19 -8.83 -6.30
C ARG C 175 -35.87 -9.70 -5.08
N ARG C 176 -36.90 -10.05 -4.32
CA ARG C 176 -36.75 -10.89 -3.14
C ARG C 176 -37.11 -12.32 -3.52
N LEU C 177 -36.14 -13.22 -3.40
CA LEU C 177 -36.33 -14.64 -3.66
C LEU C 177 -36.61 -15.37 -2.36
N THR C 178 -37.71 -16.10 -2.31
CA THR C 178 -37.95 -17.05 -1.23
C THR C 178 -37.81 -18.45 -1.80
N ILE C 179 -36.74 -19.13 -1.42
CA ILE C 179 -36.25 -20.34 -2.07
C ILE C 179 -36.50 -21.51 -1.13
N PRO C 180 -37.32 -22.49 -1.52
CA PRO C 180 -37.45 -23.72 -0.72
C PRO C 180 -36.15 -24.53 -0.76
N PRO C 181 -35.93 -25.42 0.22
CA PRO C 181 -34.66 -26.16 0.24
C PRO C 181 -34.38 -26.97 -1.01
N GLN C 182 -35.41 -27.48 -1.68
CA GLN C 182 -35.18 -28.30 -2.87
C GLN C 182 -34.62 -27.50 -4.03
N LEU C 183 -34.78 -26.17 -3.99
CA LEU C 183 -34.13 -25.26 -4.93
C LEU C 183 -32.97 -24.51 -4.30
N GLY C 184 -32.65 -24.81 -3.04
CA GLY C 184 -31.50 -24.26 -2.35
C GLY C 184 -30.40 -25.29 -2.18
N TYR C 185 -29.97 -25.56 -0.95
CA TYR C 185 -28.96 -26.58 -0.72
C TYR C 185 -29.54 -27.93 -0.28
N GLY C 186 -30.86 -28.10 -0.35
CA GLY C 186 -31.45 -29.40 -0.02
C GLY C 186 -31.17 -29.86 1.40
N ALA C 187 -30.94 -31.16 1.54
CA ALA C 187 -30.64 -31.77 2.83
C ALA C 187 -29.15 -31.69 3.17
N ARG C 188 -28.38 -30.99 2.36
CA ARG C 188 -26.94 -30.88 2.49
C ARG C 188 -26.52 -29.66 3.30
N GLY C 189 -27.20 -28.53 3.12
CA GLY C 189 -26.65 -27.31 3.67
C GLY C 189 -25.37 -26.92 2.92
N ALA C 190 -24.74 -25.87 3.43
CA ALA C 190 -23.50 -25.38 2.84
C ALA C 190 -22.73 -24.61 3.90
N GLY C 191 -21.40 -24.70 3.80
CA GLY C 191 -20.51 -23.75 4.43
C GLY C 191 -20.58 -23.65 5.92
N GLY C 192 -21.15 -24.67 6.59
CA GLY C 192 -21.25 -24.70 8.03
C GLY C 192 -22.18 -23.68 8.64
N VAL C 193 -23.01 -23.01 7.83
CA VAL C 193 -23.83 -21.89 8.29
C VAL C 193 -25.26 -22.06 7.79
N ILE C 194 -25.42 -22.73 6.66
CA ILE C 194 -26.73 -23.04 6.10
C ILE C 194 -27.09 -24.46 6.52
N PRO C 195 -28.11 -24.66 7.36
CA PRO C 195 -28.45 -26.01 7.81
C PRO C 195 -29.21 -26.76 6.73
N PRO C 196 -29.18 -28.09 6.77
CA PRO C 196 -30.10 -28.88 5.93
C PRO C 196 -31.54 -28.39 6.11
N ASN C 197 -32.33 -28.52 5.05
CA ASN C 197 -33.75 -28.17 5.02
C ASN C 197 -34.01 -26.66 5.15
N ALA C 198 -33.00 -25.82 4.94
CA ALA C 198 -33.20 -24.38 5.09
C ALA C 198 -33.94 -23.81 3.89
N THR C 199 -34.95 -22.98 4.16
CA THR C 199 -35.52 -22.09 3.16
C THR C 199 -34.69 -20.79 3.16
N LEU C 200 -34.25 -20.37 1.98
CA LEU C 200 -33.38 -19.21 1.88
C LEU C 200 -34.17 -18.00 1.41
N VAL C 201 -33.83 -16.84 1.96
CA VAL C 201 -34.39 -15.57 1.53
C VAL C 201 -33.25 -14.69 1.01
N PHE C 202 -33.37 -14.26 -0.23
CA PHE C 202 -32.41 -13.35 -0.83
C PHE C 202 -33.10 -12.08 -1.31
N GLU C 203 -32.48 -10.94 -1.07
CA GLU C 203 -32.77 -9.74 -1.84
C GLU C 203 -31.65 -9.55 -2.85
N VAL C 204 -32.02 -9.49 -4.13
CA VAL C 204 -31.06 -9.51 -5.23
C VAL C 204 -31.23 -8.23 -6.01
N GLU C 205 -30.11 -7.53 -6.22
CA GLU C 205 -30.10 -6.32 -7.04
C GLU C 205 -29.30 -6.57 -8.30
N LEU C 206 -29.95 -6.50 -9.45
CA LEU C 206 -29.25 -6.74 -10.72
C LEU C 206 -28.46 -5.50 -11.12
N LEU C 207 -27.16 -5.69 -11.36
CA LEU C 207 -26.26 -4.56 -11.64
C LEU C 207 -25.97 -4.34 -13.12
N ASP C 208 -25.85 -5.40 -13.91
CA ASP C 208 -25.43 -5.34 -15.30
C ASP C 208 -25.76 -6.69 -15.94
N VAL C 209 -25.97 -6.68 -17.26
CA VAL C 209 -26.19 -7.93 -18.02
C VAL C 209 -25.29 -7.97 -19.26
N THR D 20 -32.04 12.16 -30.57
CA THR D 20 -32.14 10.93 -29.78
C THR D 20 -30.88 10.61 -28.97
N HIS D 21 -29.72 10.96 -29.52
CA HIS D 21 -28.43 10.81 -28.85
C HIS D 21 -27.91 12.18 -28.40
N ILE D 22 -27.10 12.16 -27.35
CA ILE D 22 -26.54 13.40 -26.78
C ILE D 22 -25.07 13.17 -26.45
N ASN D 23 -24.30 14.24 -26.60
CA ASN D 23 -22.88 14.26 -26.29
C ASN D 23 -22.68 15.03 -24.99
N LEU D 24 -21.77 14.55 -24.15
CA LEU D 24 -21.53 15.16 -22.85
C LEU D 24 -20.05 15.04 -22.54
N LYS D 25 -19.58 15.93 -21.68
CA LYS D 25 -18.24 15.81 -21.15
C LYS D 25 -18.27 15.81 -19.64
N VAL D 26 -17.40 14.99 -19.06
CA VAL D 26 -17.24 14.90 -17.62
C VAL D 26 -15.86 15.43 -17.28
N SER D 27 -15.80 16.42 -16.40
CA SER D 27 -14.57 17.05 -15.97
C SER D 27 -14.33 16.74 -14.50
N ASP D 28 -13.07 16.41 -14.17
CA ASP D 28 -12.62 16.25 -12.79
C ASP D 28 -11.90 17.48 -12.28
N GLY D 29 -11.82 18.54 -13.09
CA GLY D 29 -11.03 19.71 -12.78
C GLY D 29 -9.84 19.84 -13.70
N SER D 30 -9.07 18.76 -13.87
CA SER D 30 -7.85 18.80 -14.65
C SER D 30 -8.00 18.18 -16.03
N SER D 31 -8.82 17.14 -16.18
CA SER D 31 -8.98 16.44 -17.44
C SER D 31 -10.46 16.30 -17.78
N GLU D 32 -10.73 16.03 -19.06
CA GLU D 32 -12.10 15.91 -19.57
C GLU D 32 -12.22 14.69 -20.46
N ILE D 33 -13.26 13.90 -20.22
CA ILE D 33 -13.60 12.74 -21.04
C ILE D 33 -14.96 13.01 -21.70
N PHE D 34 -15.14 12.54 -22.93
CA PHE D 34 -16.37 12.83 -23.69
C PHE D 34 -17.19 11.55 -23.86
N PHE D 35 -18.52 11.71 -23.79
CA PHE D 35 -19.45 10.58 -23.79
C PHE D 35 -20.63 10.87 -24.71
N LYS D 36 -20.97 9.91 -25.54
CA LYS D 36 -22.18 9.98 -26.35
C LYS D 36 -23.10 8.85 -25.89
N ILE D 37 -24.25 9.23 -25.35
CA ILE D 37 -25.23 8.29 -24.82
C ILE D 37 -26.62 8.70 -25.30
N LYS D 38 -27.51 7.71 -25.38
CA LYS D 38 -28.91 7.98 -25.68
C LYS D 38 -29.54 8.82 -24.59
N LYS D 39 -30.35 9.81 -24.99
CA LYS D 39 -31.00 10.70 -24.03
C LYS D 39 -31.87 9.93 -23.04
N THR D 40 -32.43 8.79 -23.44
CA THR D 40 -33.36 8.05 -22.59
C THR D 40 -32.64 7.22 -21.54
N THR D 41 -31.58 6.50 -21.92
CA THR D 41 -30.74 5.66 -21.07
C THR D 41 -30.42 6.37 -19.77
N PRO D 42 -30.31 5.66 -18.65
CA PRO D 42 -29.88 6.31 -17.40
C PRO D 42 -28.41 6.74 -17.47
N LEU D 43 -28.11 7.83 -16.77
CA LEU D 43 -26.73 8.30 -16.65
C LEU D 43 -25.85 7.36 -15.83
N ARG D 44 -26.42 6.26 -15.32
CA ARG D 44 -25.67 5.28 -14.54
C ARG D 44 -24.44 4.78 -15.30
N ARG D 45 -24.65 4.29 -16.52
CA ARG D 45 -23.56 3.64 -17.26
C ARG D 45 -22.54 4.66 -17.76
N LEU D 46 -22.90 5.94 -17.82
CA LEU D 46 -21.90 6.98 -18.05
C LEU D 46 -21.04 7.16 -16.81
N MET D 47 -21.68 7.40 -15.66
CA MET D 47 -20.92 7.59 -14.43
C MET D 47 -20.06 6.38 -14.16
N GLU D 48 -20.64 5.18 -14.27
CA GLU D 48 -19.87 3.98 -13.98
C GLU D 48 -18.73 3.84 -14.97
N ALA D 49 -18.99 4.16 -16.25
CA ALA D 49 -17.89 4.19 -17.21
C ALA D 49 -16.84 5.23 -16.82
N PHE D 50 -17.27 6.43 -16.42
CA PHE D 50 -16.29 7.42 -15.99
C PHE D 50 -15.47 6.89 -14.83
N ALA D 51 -16.12 6.35 -13.80
CA ALA D 51 -15.42 5.84 -12.63
C ALA D 51 -14.36 4.80 -13.00
N LYS D 52 -14.68 3.89 -13.93
CA LYS D 52 -13.75 2.83 -14.28
C LYS D 52 -12.46 3.40 -14.85
N ARG D 53 -12.60 4.28 -15.86
CA ARG D 53 -11.44 4.96 -16.46
C ARG D 53 -10.65 5.75 -15.43
N GLN D 54 -11.27 6.14 -14.31
CA GLN D 54 -10.58 6.82 -13.23
C GLN D 54 -10.04 5.85 -12.18
N GLY D 55 -10.22 4.55 -12.37
CA GLY D 55 -9.74 3.56 -11.44
C GLY D 55 -10.31 3.64 -10.04
N LYS D 56 -11.12 4.64 -9.72
CA LYS D 56 -11.75 4.75 -8.42
C LYS D 56 -13.16 4.13 -8.45
N GLU D 57 -13.71 3.90 -7.26
CA GLU D 57 -15.07 3.40 -7.16
C GLU D 57 -16.07 4.50 -7.55
N MET D 58 -17.27 4.07 -7.94
CA MET D 58 -18.34 5.01 -8.26
C MET D 58 -18.95 5.62 -7.00
N ASP D 59 -18.97 4.86 -5.90
CA ASP D 59 -19.44 5.40 -4.64
C ASP D 59 -18.54 6.51 -4.11
N SER D 60 -17.32 6.61 -4.64
CA SER D 60 -16.36 7.60 -4.14
C SER D 60 -16.60 8.99 -4.71
N LEU D 61 -17.16 9.09 -5.91
CA LEU D 61 -17.31 10.35 -6.60
C LEU D 61 -18.74 10.86 -6.51
N ARG D 62 -18.88 12.19 -6.54
CA ARG D 62 -20.17 12.85 -6.63
C ARG D 62 -20.25 13.58 -7.96
N PHE D 63 -21.20 13.18 -8.81
CA PHE D 63 -21.37 13.77 -10.13
C PHE D 63 -22.45 14.83 -10.06
N LEU D 64 -22.12 16.05 -10.50
CA LEU D 64 -23.01 17.19 -10.30
C LEU D 64 -23.31 17.85 -11.63
N TYR D 65 -24.59 17.96 -11.94
CA TYR D 65 -25.07 18.74 -13.07
C TYR D 65 -25.87 19.93 -12.55
N ASP D 66 -25.54 21.12 -13.05
CA ASP D 66 -26.21 22.37 -12.65
C ASP D 66 -26.27 22.53 -11.13
N GLY D 67 -25.27 21.99 -10.43
CA GLY D 67 -25.15 22.16 -9.00
C GLY D 67 -25.89 21.15 -8.16
N ILE D 68 -26.69 20.27 -8.76
CA ILE D 68 -27.45 19.25 -8.04
C ILE D 68 -26.90 17.89 -8.43
N ARG D 69 -26.54 17.08 -7.44
CA ARG D 69 -25.99 15.75 -7.70
C ARG D 69 -26.98 14.92 -8.51
N ILE D 70 -26.46 14.03 -9.31
CA ILE D 70 -27.26 13.23 -10.23
C ILE D 70 -27.50 11.87 -9.60
N GLN D 71 -28.70 11.33 -9.78
CA GLN D 71 -28.96 9.95 -9.43
C GLN D 71 -28.71 9.09 -10.66
N ALA D 72 -28.33 7.83 -10.41
CA ALA D 72 -28.14 6.89 -11.52
C ALA D 72 -29.43 6.65 -12.28
N ASP D 73 -30.58 6.78 -11.60
CA ASP D 73 -31.88 6.64 -12.25
C ASP D 73 -32.16 7.78 -13.23
N GLN D 74 -31.55 8.94 -13.05
CA GLN D 74 -31.87 10.10 -13.88
C GLN D 74 -31.42 9.88 -15.31
N THR D 75 -32.25 10.17 -16.21
CA THR D 75 -31.96 10.15 -17.63
C THR D 75 -31.50 11.55 -18.07
N PRO D 76 -30.70 11.66 -19.12
CA PRO D 76 -30.37 13.00 -19.63
C PRO D 76 -31.57 13.78 -20.10
N GLU D 77 -32.64 13.10 -20.54
CA GLU D 77 -33.88 13.82 -20.88
C GLU D 77 -34.60 14.31 -19.64
N ASP D 78 -34.45 13.60 -18.51
CA ASP D 78 -35.04 14.05 -17.27
C ASP D 78 -34.49 15.38 -16.79
N LEU D 79 -33.27 15.74 -17.21
CA LEU D 79 -32.57 16.91 -16.67
C LEU D 79 -32.50 18.05 -17.66
N ASP D 80 -33.18 17.94 -18.81
CA ASP D 80 -33.17 18.98 -19.85
C ASP D 80 -31.75 19.36 -20.26
N MET D 81 -30.91 18.33 -20.42
CA MET D 81 -29.51 18.50 -20.81
C MET D 81 -29.39 18.77 -22.31
N GLU D 82 -28.37 19.54 -22.67
CA GLU D 82 -28.11 19.92 -24.05
C GLU D 82 -26.73 19.42 -24.47
N ASP D 83 -26.57 19.21 -25.77
CA ASP D 83 -25.27 18.88 -26.34
C ASP D 83 -24.18 19.73 -25.70
N ASN D 84 -23.04 19.11 -25.45
CA ASN D 84 -21.85 19.73 -24.85
C ASN D 84 -22.02 20.05 -23.37
N ASP D 85 -23.16 19.74 -22.73
CA ASP D 85 -23.29 19.99 -21.30
C ASP D 85 -22.21 19.25 -20.50
N ILE D 86 -21.72 19.89 -19.44
CA ILE D 86 -20.64 19.35 -18.63
C ILE D 86 -21.20 18.70 -17.38
N ILE D 87 -20.57 17.62 -16.94
CA ILE D 87 -20.83 17.02 -15.64
C ILE D 87 -19.56 17.09 -14.82
N GLU D 88 -19.68 17.55 -13.57
CA GLU D 88 -18.54 17.68 -12.68
C GLU D 88 -18.44 16.47 -11.78
N ALA D 89 -17.21 15.97 -11.58
CA ALA D 89 -16.96 14.78 -10.77
C ALA D 89 -15.98 15.11 -9.66
N HIS D 90 -16.48 15.20 -8.43
CA HIS D 90 -15.66 15.58 -7.27
C HIS D 90 -15.31 14.38 -6.41
N GLY D 96 -16.20 20.62 -0.47
CA GLY D 96 -15.40 21.41 0.44
C GLY D 96 -13.95 20.96 0.56
N SER D 97 -13.16 21.19 -0.49
CA SER D 97 -11.72 20.95 -0.45
C SER D 97 -10.99 22.21 -0.03
N THR D 98 -9.97 22.07 0.83
CA THR D 98 -9.22 23.21 1.33
C THR D 98 -7.88 23.32 0.59
N VAL D 99 -7.76 24.36 -0.22
CA VAL D 99 -6.62 24.59 -1.10
C VAL D 99 -5.72 25.62 -0.44
N VAL D 100 -4.50 25.22 -0.10
CA VAL D 100 -3.58 26.05 0.64
C VAL D 100 -2.52 26.60 -0.32
N THR D 101 -2.20 27.87 -0.17
CA THR D 101 -1.11 28.53 -0.91
C THR D 101 -0.16 29.12 0.13
N THR D 102 1.11 28.74 0.05
CA THR D 102 2.05 29.25 1.04
C THR D 102 2.77 30.47 0.48
N GLU D 103 3.59 31.10 1.32
CA GLU D 103 4.31 32.30 0.93
C GLU D 103 5.20 32.09 -0.29
N SER D 104 5.54 30.84 -0.60
CA SER D 104 6.47 30.47 -1.65
C SER D 104 5.83 30.32 -3.02
N GLY D 105 4.52 30.47 -3.15
CA GLY D 105 3.83 30.06 -4.35
C GLY D 105 3.41 28.61 -4.38
N LEU D 106 3.84 27.79 -3.42
CA LEU D 106 3.41 26.40 -3.41
C LEU D 106 1.92 26.29 -3.11
N LYS D 107 1.22 25.51 -3.92
CA LYS D 107 -0.19 25.21 -3.70
C LYS D 107 -0.34 23.73 -3.39
N TYR D 108 -0.96 23.40 -2.25
CA TYR D 108 -1.20 22.00 -1.92
C TYR D 108 -2.58 21.84 -1.30
N GLU D 109 -2.96 20.58 -1.13
CA GLU D 109 -4.33 20.21 -0.82
C GLU D 109 -4.37 18.75 -0.36
N ASP D 110 -4.96 18.50 0.80
CA ASP D 110 -4.97 17.15 1.38
C ASP D 110 -6.22 16.44 0.91
N LEU D 111 -6.05 15.43 0.04
CA LEU D 111 -7.22 14.69 -0.44
C LEU D 111 -7.69 13.68 0.60
N THR D 112 -6.77 13.10 1.34
CA THR D 112 -7.06 12.21 2.46
C THR D 112 -6.16 12.63 3.61
N GLU D 113 -6.76 12.88 4.77
CA GLU D 113 -6.01 13.15 6.00
C GLU D 113 -5.47 11.83 6.53
N GLY D 114 -4.14 11.69 6.56
CA GLY D 114 -3.58 10.48 7.14
C GLY D 114 -3.94 10.34 8.61
N SER D 115 -3.82 9.12 9.13
CA SER D 115 -4.01 8.94 10.55
C SER D 115 -2.72 8.70 11.32
N GLY D 116 -1.65 8.34 10.62
CA GLY D 116 -0.42 7.91 11.25
C GLY D 116 0.49 9.05 11.64
N ALA D 117 1.79 8.78 11.62
CA ALA D 117 2.76 9.71 12.15
C ALA D 117 3.07 10.83 11.16
N GLU D 118 3.56 11.92 11.69
CA GLU D 118 3.75 13.14 10.91
C GLU D 118 5.17 13.24 10.38
N ALA D 119 5.30 13.51 9.07
CA ALA D 119 6.60 13.78 8.47
C ALA D 119 7.15 15.13 8.95
N ARG D 120 8.41 15.15 9.37
CA ARG D 120 9.05 16.38 9.79
C ARG D 120 10.46 16.43 9.21
N ALA D 121 11.04 17.62 9.22
CA ALA D 121 12.37 17.82 8.66
C ALA D 121 13.43 16.95 9.36
N GLY D 122 14.27 16.28 8.57
CA GLY D 122 15.32 15.41 9.06
C GLY D 122 14.96 13.92 9.08
N GLN D 123 13.66 13.60 9.00
CA GLN D 123 13.21 12.22 8.91
C GLN D 123 13.40 11.69 7.51
N THR D 124 13.65 10.38 7.43
CA THR D 124 13.57 9.66 6.16
C THR D 124 12.13 9.22 5.95
N VAL D 125 11.51 9.68 4.87
CA VAL D 125 10.12 9.40 4.56
C VAL D 125 10.06 8.49 3.35
N SER D 126 8.93 7.81 3.20
CA SER D 126 8.73 6.92 2.07
C SER D 126 7.36 7.20 1.47
N VAL D 127 7.30 7.43 0.14
CA VAL D 127 6.05 7.82 -0.51
C VAL D 127 5.83 7.04 -1.80
N HIS D 128 4.59 7.07 -2.25
CA HIS D 128 4.21 6.82 -3.63
C HIS D 128 3.74 8.13 -4.23
N TYR D 129 3.97 8.31 -5.53
CA TYR D 129 3.58 9.57 -6.18
C TYR D 129 3.30 9.30 -7.64
N THR D 130 2.38 10.08 -8.18
CA THR D 130 2.21 10.25 -9.62
C THR D 130 2.50 11.70 -9.97
N GLY D 131 3.12 11.92 -11.13
CA GLY D 131 3.48 13.28 -11.57
C GLY D 131 3.00 13.64 -12.97
N TRP D 132 2.39 14.82 -13.11
CA TRP D 132 1.87 15.32 -14.38
C TRP D 132 2.37 16.74 -14.62
N LEU D 133 2.46 17.12 -15.89
CA LEU D 133 2.49 18.53 -16.30
C LEU D 133 1.06 19.10 -16.25
N THR D 134 0.95 20.43 -16.33
CA THR D 134 -0.38 21.05 -16.23
C THR D 134 -1.23 20.69 -17.44
N ASP D 135 -0.57 20.23 -18.49
CA ASP D 135 -1.12 19.48 -19.60
C ASP D 135 -2.07 18.35 -19.19
N GLY D 136 -1.88 17.79 -17.99
CA GLY D 136 -2.39 16.45 -17.71
C GLY D 136 -1.46 15.35 -18.20
N GLN D 137 -0.29 15.72 -18.72
CA GLN D 137 0.67 14.77 -19.31
C GLN D 137 1.48 14.11 -18.20
N LYS D 138 1.43 12.78 -18.13
CA LYS D 138 2.05 12.04 -17.03
C LYS D 138 3.50 11.72 -17.34
N PHE D 139 4.42 12.14 -16.46
CA PHE D 139 5.82 11.80 -16.64
C PHE D 139 6.40 10.74 -15.69
N ASP D 140 5.71 10.37 -14.61
CA ASP D 140 6.20 9.24 -13.82
C ASP D 140 5.14 8.77 -12.82
N SER D 141 5.15 7.48 -12.54
CA SER D 141 4.27 6.90 -11.54
C SER D 141 5.05 5.90 -10.71
N SER D 142 5.22 6.22 -9.43
CA SER D 142 5.82 5.27 -8.50
C SER D 142 5.00 3.98 -8.45
N LYS D 143 3.67 4.11 -8.47
CA LYS D 143 2.81 2.96 -8.31
C LYS D 143 2.90 2.02 -9.50
N ASP D 144 2.96 2.58 -10.73
CA ASP D 144 3.11 1.75 -11.93
C ASP D 144 4.40 0.96 -11.92
N ARG D 145 5.45 1.48 -11.27
CA ARG D 145 6.73 0.80 -11.19
C ARG D 145 6.87 -0.05 -9.92
N ASN D 146 5.86 -0.06 -9.05
CA ASN D 146 5.93 -0.81 -7.77
C ASN D 146 7.20 -0.45 -7.01
N ASP D 147 7.45 0.84 -6.83
CA ASP D 147 8.73 1.33 -6.32
C ASP D 147 8.51 2.49 -5.36
N PRO D 148 8.54 2.24 -4.05
CA PRO D 148 8.45 3.36 -3.09
C PRO D 148 9.64 4.29 -3.24
N PHE D 149 9.36 5.59 -3.13
CA PHE D 149 10.39 6.63 -3.18
C PHE D 149 10.80 7.03 -1.78
N ALA D 150 12.11 7.01 -1.52
CA ALA D 150 12.67 7.35 -0.22
C ALA D 150 13.55 8.57 -0.33
N PHE D 151 13.47 9.46 0.66
CA PHE D 151 14.43 10.57 0.72
C PHE D 151 14.38 11.19 2.11
N VAL D 152 15.33 12.10 2.37
CA VAL D 152 15.47 12.74 3.68
C VAL D 152 14.81 14.12 3.59
N LEU D 153 13.67 14.24 4.28
CA LEU D 153 12.77 15.39 4.18
C LEU D 153 13.49 16.69 4.54
N GLY D 154 13.58 17.60 3.56
CA GLY D 154 14.20 18.88 3.75
C GLY D 154 15.65 18.93 3.35
N GLY D 155 16.25 17.80 2.99
CA GLY D 155 17.67 17.67 2.72
C GLY D 155 18.09 17.94 1.29
N GLY D 156 17.21 18.48 0.45
CA GLY D 156 17.61 18.89 -0.89
C GLY D 156 17.87 17.80 -1.91
N MET D 157 17.48 16.55 -1.65
CA MET D 157 17.64 15.52 -2.67
C MET D 157 16.43 15.43 -3.59
N VAL D 158 15.41 16.27 -3.39
CA VAL D 158 14.27 16.38 -4.27
C VAL D 158 14.02 17.85 -4.55
N ILE D 159 13.12 18.14 -5.50
CA ILE D 159 12.80 19.52 -5.83
C ILE D 159 12.26 20.25 -4.59
N LYS D 160 12.45 21.58 -4.57
N LYS D 160 12.45 21.58 -4.56
CA LYS D 160 12.10 22.37 -3.39
CA LYS D 160 12.10 22.39 -3.40
C LYS D 160 10.64 22.21 -3.01
C LYS D 160 10.65 22.22 -3.02
N GLY D 161 9.76 22.11 -4.01
CA GLY D 161 8.33 21.95 -3.75
C GLY D 161 7.98 20.68 -3.00
N TRP D 162 8.84 19.67 -3.04
CA TRP D 162 8.59 18.47 -2.25
C TRP D 162 9.07 18.65 -0.82
N ASP D 163 10.30 19.17 -0.63
CA ASP D 163 10.78 19.47 0.72
C ASP D 163 9.76 20.29 1.50
N GLU D 164 9.12 21.28 0.83
CA GLU D 164 8.07 22.07 1.48
C GLU D 164 6.76 21.28 1.56
N GLY D 165 6.35 20.63 0.47
CA GLY D 165 5.01 20.08 0.41
C GLY D 165 4.82 18.81 1.24
N VAL D 166 5.82 17.93 1.28
CA VAL D 166 5.64 16.66 1.97
C VAL D 166 5.69 16.84 3.49
N GLN D 167 6.36 17.89 3.95
CA GLN D 167 6.42 18.22 5.36
C GLN D 167 5.03 18.46 5.91
N GLY D 168 4.73 17.87 7.07
CA GLY D 168 3.43 18.01 7.68
C GLY D 168 2.38 16.98 7.26
N MET D 169 2.69 16.12 6.30
CA MET D 169 1.77 15.03 6.01
C MET D 169 1.80 13.98 7.13
N LYS D 170 0.68 13.27 7.26
CA LYS D 170 0.60 12.13 8.16
C LYS D 170 0.53 10.84 7.37
N VAL D 171 1.06 9.77 7.97
CA VAL D 171 1.13 8.49 7.30
C VAL D 171 -0.27 8.04 6.89
N GLY D 172 -0.41 7.66 5.62
CA GLY D 172 -1.68 7.32 5.00
C GLY D 172 -2.32 8.47 4.26
N GLY D 173 -1.78 9.67 4.38
CA GLY D 173 -2.38 10.82 3.74
C GLY D 173 -2.00 10.92 2.28
N VAL D 174 -2.89 11.53 1.50
CA VAL D 174 -2.68 11.81 0.09
C VAL D 174 -2.78 13.32 -0.14
N ARG D 175 -1.70 13.92 -0.62
CA ARG D 175 -1.60 15.37 -0.84
C ARG D 175 -1.31 15.65 -2.32
N ARG D 176 -2.07 16.57 -2.90
CA ARG D 176 -1.75 17.04 -4.24
C ARG D 176 -0.89 18.28 -4.12
N LEU D 177 0.30 18.23 -4.70
CA LEU D 177 1.18 19.37 -4.75
C LEU D 177 1.09 19.97 -6.15
N THR D 178 0.86 21.29 -6.21
CA THR D 178 0.91 22.05 -7.45
C THR D 178 2.08 23.02 -7.31
N ILE D 179 3.14 22.78 -8.06
CA ILE D 179 4.48 23.30 -7.78
C ILE D 179 4.84 24.30 -8.88
N PRO D 180 5.15 25.55 -8.53
CA PRO D 180 5.66 26.47 -9.55
C PRO D 180 7.04 26.05 -10.03
N PRO D 181 7.40 26.34 -11.29
CA PRO D 181 8.67 25.84 -11.82
C PRO D 181 9.87 26.31 -11.04
N GLN D 182 9.80 27.47 -10.40
CA GLN D 182 10.90 27.91 -9.56
C GLN D 182 11.06 27.09 -8.28
N LEU D 183 10.08 26.24 -7.93
CA LEU D 183 10.23 25.21 -6.90
C LEU D 183 10.27 23.82 -7.51
N GLY D 184 10.36 23.74 -8.84
CA GLY D 184 10.44 22.47 -9.52
C GLY D 184 11.78 22.33 -10.19
N TYR D 185 11.77 21.98 -11.48
CA TYR D 185 13.00 21.85 -12.24
C TYR D 185 13.36 23.15 -12.97
N GLY D 186 12.49 24.14 -12.94
CA GLY D 186 12.85 25.47 -13.38
C GLY D 186 13.17 25.51 -14.86
N ALA D 187 14.31 26.10 -15.18
CA ALA D 187 14.67 26.32 -16.57
C ALA D 187 15.46 25.18 -17.15
N ARG D 188 16.02 24.30 -16.31
CA ARG D 188 16.77 23.18 -16.83
C ARG D 188 15.88 22.02 -17.25
N GLY D 189 14.63 21.99 -16.81
CA GLY D 189 13.80 20.83 -17.13
C GLY D 189 14.36 19.56 -16.52
N ALA D 190 13.93 18.42 -17.07
CA ALA D 190 14.37 17.14 -16.51
C ALA D 190 14.03 15.93 -17.38
N GLY D 191 15.01 15.03 -17.56
CA GLY D 191 14.77 13.70 -18.09
C GLY D 191 14.19 13.64 -19.49
N GLY D 192 14.29 14.73 -20.24
CA GLY D 192 13.84 14.76 -21.62
C GLY D 192 12.34 14.83 -21.81
N VAL D 193 11.61 15.24 -20.80
CA VAL D 193 10.14 15.18 -20.82
CA VAL D 193 10.14 15.18 -20.82
C VAL D 193 9.56 16.40 -20.14
N ILE D 194 10.16 16.80 -19.01
CA ILE D 194 9.72 17.98 -18.26
C ILE D 194 10.39 19.19 -18.92
N PRO D 195 9.61 20.13 -19.46
CA PRO D 195 10.19 21.25 -20.20
C PRO D 195 10.68 22.33 -19.25
N PRO D 196 11.46 23.28 -19.75
CA PRO D 196 11.74 24.47 -18.97
C PRO D 196 10.46 25.14 -18.51
N ASN D 197 10.51 25.70 -17.31
CA ASN D 197 9.45 26.58 -16.79
C ASN D 197 8.13 25.84 -16.56
N ALA D 198 8.21 24.53 -16.33
CA ALA D 198 7.04 23.68 -16.16
C ALA D 198 6.55 23.73 -14.73
N THR D 199 5.30 24.15 -14.54
CA THR D 199 4.59 23.88 -13.30
C THR D 199 4.31 22.39 -13.22
N LEU D 200 4.39 21.81 -12.01
CA LEU D 200 4.30 20.37 -11.82
C LEU D 200 3.19 20.01 -10.82
N VAL D 201 2.40 18.98 -11.14
CA VAL D 201 1.35 18.51 -10.25
C VAL D 201 1.69 17.08 -9.83
N PHE D 202 1.81 16.88 -8.52
CA PHE D 202 2.07 15.58 -7.93
C PHE D 202 0.93 15.18 -7.01
N GLU D 203 0.59 13.91 -7.03
CA GLU D 203 -0.27 13.32 -6.02
C GLU D 203 0.64 12.42 -5.17
N VAL D 204 0.76 12.74 -3.89
CA VAL D 204 1.72 12.09 -3.01
C VAL D 204 0.98 11.35 -1.92
N GLU D 205 1.23 10.06 -1.82
CA GLU D 205 0.74 9.22 -0.75
C GLU D 205 1.93 8.92 0.17
N LEU D 206 1.78 9.23 1.44
CA LEU D 206 2.87 9.06 2.41
C LEU D 206 2.78 7.67 3.04
N LEU D 207 3.81 6.84 2.84
CA LEU D 207 3.79 5.44 3.26
C LEU D 207 4.45 5.22 4.62
N ASP D 208 5.51 5.96 4.92
CA ASP D 208 6.19 5.74 6.18
C ASP D 208 7.11 6.93 6.42
N VAL D 209 7.49 7.10 7.69
CA VAL D 209 8.45 8.09 8.17
C VAL D 209 9.64 7.39 8.83
C11 6UO E . -3.87 0.38 28.70
C14 6UO E . -5.72 2.02 26.10
C17 6UO E . -5.24 1.96 22.35
C18 6UO E . -6.36 2.68 21.95
C15 6UO E . -5.94 2.23 24.60
C16 6UO E . -5.03 1.72 23.69
C20 6UO E . -7.04 2.94 24.15
C24 6UO E . -4.11 -4.32 25.65
C23 6UO E . -3.55 -3.08 26.32
C26 6UO E . -5.00 -6.55 25.86
C27 6UO E . -5.15 -6.61 24.48
C28 6UO E . -4.81 -5.50 23.70
C29 6UO E . -4.28 -4.36 24.28
C12 6UO E . -5.16 0.64 27.93
C04 6UO E . -1.32 -0.33 25.31
C05 6UO E . -0.08 0.53 25.32
C06 6UO E . 0.19 1.00 26.67
C07 6UO E . 0.49 -0.08 27.60
C08 6UO E . -0.64 -1.09 27.70
C09 6UO E . -1.76 -0.51 28.51
C25 6UO E . -4.47 -5.40 26.45
N03 6UO E . -1.20 -1.47 26.34
N19 6UO E . -7.21 3.13 22.86
O01 6UO E . -1.43 -3.29 24.60
O10 6UO E . -3.02 -0.45 27.93
O13 6UO E . -4.89 1.01 26.60
O21 6UO E . -6.24 2.76 26.87
O22 6UO E . -1.60 -0.12 29.62
O30 6UO E . -1.06 -4.03 26.76
S02 6UO E . -1.78 -3.01 25.99
MG MG F . -4.24 8.02 18.24
N1 IMD G . 10.30 -11.86 19.66
C2 IMD G . 11.18 -10.94 20.12
N3 IMD G . 10.50 -9.81 20.42
C4 IMD G . 9.19 -10.02 20.16
C5 IMD G . 9.07 -11.32 19.68
C1 PEG H . -4.23 -2.90 35.25
O1 PEG H . -5.27 -3.46 36.02
C2 PEG H . -4.64 -1.52 34.70
O2 PEG H . -3.84 -1.20 33.58
C3 PEG H . -4.15 0.02 32.96
C4 PEG H . -4.08 1.15 33.99
O4 PEG H . -5.31 1.81 34.10
C11 6UO I . 13.90 7.64 -16.37
C14 6UO I . 12.59 7.67 -13.05
C17 6UO I . 12.53 7.55 -9.25
C18 6UO I . 13.89 7.59 -9.00
C15 6UO I . 13.03 7.65 -11.58
C16 6UO I . 12.09 7.58 -10.57
C20 6UO I . 14.38 7.67 -11.25
C24 6UO I . 18.09 10.44 -15.22
C23 6UO I . 17.35 9.09 -15.22
C26 6UO I . 18.85 12.40 -16.41
C27 6UO I . 19.41 12.89 -15.25
C28 6UO I . 19.30 12.16 -14.06
C29 6UO I . 18.64 10.93 -14.05
C12 6UO I . 12.85 8.05 -15.33
C04 6UO I . 16.92 5.75 -14.04
C05 6UO I . 17.06 4.25 -14.03
C06 6UO I . 16.35 3.62 -15.13
C07 6UO I . 16.93 3.97 -16.41
C08 6UO I . 16.86 5.48 -16.60
C09 6UO I . 15.42 5.86 -16.89
C25 6UO I . 18.19 11.18 -16.40
N03 6UO I . 17.39 6.25 -15.40
N19 6UO I . 14.77 7.65 -9.99
O01 6UO I . 19.52 7.49 -14.68
O10 6UO I . 14.66 6.55 -15.92
O13 6UO I . 13.40 8.21 -14.05
O21 6UO I . 11.53 7.23 -13.33
O22 6UO I . 14.94 5.54 -17.93
O30 6UO I . 18.86 7.58 -16.97
S02 6UO I . 18.36 7.63 -15.59
C11 6UO J . -22.84 -20.10 -5.48
C14 6UO J . -20.28 -20.53 -2.88
C17 6UO J . -19.86 -21.43 0.81
C18 6UO J . -20.47 -22.68 0.81
C15 6UO J . -20.31 -21.27 -1.54
C16 6UO J . -19.76 -20.70 -0.38
C20 6UO J . -20.92 -22.52 -1.47
C24 6UO J . -22.80 -19.08 0.26
C23 6UO J . -23.13 -18.90 -1.23
C26 6UO J . -22.83 -20.42 2.26
C27 6UO J . -22.19 -19.39 2.96
C28 6UO J . -21.84 -18.22 2.31
C29 6UO J . -22.15 -18.07 0.95
C12 6UO J . -21.39 -20.22 -5.00
C04 6UO J . -24.39 -16.69 -3.70
C05 6UO J . -25.16 -16.10 -4.88
C06 6UO J . -25.83 -17.11 -5.69
C07 6UO J . -26.74 -17.93 -4.90
C08 6UO J . -25.94 -18.74 -3.88
C09 6UO J . -25.00 -19.71 -4.61
C25 6UO J . -23.14 -20.27 0.91
N03 6UO J . -25.14 -17.81 -2.97
N19 6UO J . -20.97 -23.18 -0.31
O01 6UO J . -24.94 -17.08 -0.47
O10 6UO J . -23.62 -19.65 -4.39
O13 6UO J . -21.46 -20.59 -3.64
O21 6UO J . -19.31 -19.94 -3.27
O22 6UO J . -25.42 -20.53 -5.38
O30 6UO J . -25.87 -19.14 -0.93
S02 6UO J . -24.81 -18.22 -1.37
C11 6UO K . 14.49 13.86 -7.46
C14 6UO K . 15.32 12.10 -10.45
C17 6UO K . 16.21 13.74 -13.78
C18 6UO K . 15.66 12.79 -14.64
C15 6UO K . 15.46 12.38 -11.95
C16 6UO K . 16.10 13.52 -12.41
C20 6UO K . 14.95 11.47 -12.87
C24 6UO K . 11.62 12.79 -12.79
C23 6UO K . 11.95 12.92 -11.31
C26 6UO K . 11.61 13.76 -14.99
C27 6UO K . 11.05 12.58 -15.46
C28 6UO K . 10.76 11.52 -14.60
C29 6UO K . 11.05 11.61 -13.26
C12 6UO K . 15.37 12.84 -8.20
C04 6UO K . 10.61 12.10 -8.06
C05 6UO K . 9.71 12.27 -6.87
C06 6UO K . 10.20 13.35 -6.03
C07 6UO K . 10.11 14.64 -6.71
C08 6UO K . 10.91 14.68 -8.00
C09 6UO K . 12.38 14.85 -7.68
C25 6UO K . 11.91 13.87 -13.65
N03 6UO K . 10.79 13.42 -8.82
N19 6UO K . 15.06 11.70 -14.19
O01 6UO K . 9.28 12.70 -10.82
O10 6UO K . 13.24 13.86 -8.12
O13 6UO K . 15.33 13.19 -9.55
O21 6UO K . 15.23 11.00 -10.03
O22 6UO K . 12.80 15.81 -7.10
O30 6UO K . 10.11 14.88 -10.79
S02 6UO K . 10.47 13.50 -10.47
MG MG L . 12.49 3.03 -4.39
N1 IMD M . 9.93 3.52 10.54
C2 IMD M . 9.30 4.54 11.17
N3 IMD M . 10.23 5.44 11.58
C4 IMD M . 11.45 5.00 11.21
C5 IMD M . 11.27 3.78 10.55
#